data_1GJ0
# 
_entry.id   1GJ0 
# 
_audit_conform.dict_name       mmcif_pdbx.dic 
_audit_conform.dict_version    5.383 
_audit_conform.dict_location   http://mmcif.pdb.org/dictionaries/ascii/mmcif_pdbx.dic 
# 
loop_
_database_2.database_id 
_database_2.database_code 
_database_2.pdbx_database_accession 
_database_2.pdbx_DOI 
PDB   1GJ0         pdb_00001gj0 10.2210/pdb1gj0/pdb 
RCSB  RCSB001566   ?            ?                   
WWPDB D_1000001566 ?            ?                   
# 
loop_
_pdbx_audit_revision_history.ordinal 
_pdbx_audit_revision_history.data_content_type 
_pdbx_audit_revision_history.major_revision 
_pdbx_audit_revision_history.minor_revision 
_pdbx_audit_revision_history.revision_date 
1 'Structure model' 1 0 2001-08-22 
2 'Structure model' 1 1 2008-04-26 
3 'Structure model' 1 2 2011-07-13 
4 'Structure model' 1 3 2022-02-23 
5 'Structure model' 1 4 2023-12-27 
# 
_pdbx_audit_revision_details.ordinal             1 
_pdbx_audit_revision_details.revision_ordinal    1 
_pdbx_audit_revision_details.data_content_type   'Structure model' 
_pdbx_audit_revision_details.provider            repository 
_pdbx_audit_revision_details.type                'Initial release' 
_pdbx_audit_revision_details.description         ? 
_pdbx_audit_revision_details.details             ? 
# 
loop_
_pdbx_audit_revision_group.ordinal 
_pdbx_audit_revision_group.revision_ordinal 
_pdbx_audit_revision_group.data_content_type 
_pdbx_audit_revision_group.group 
1 2 'Structure model' 'Version format compliance' 
2 3 'Structure model' 'Version format compliance' 
3 4 'Structure model' 'Data collection'           
4 4 'Structure model' 'Database references'       
5 4 'Structure model' 'Derived calculations'      
6 5 'Structure model' 'Data collection'           
# 
loop_
_pdbx_audit_revision_category.ordinal 
_pdbx_audit_revision_category.revision_ordinal 
_pdbx_audit_revision_category.data_content_type 
_pdbx_audit_revision_category.category 
1 4 'Structure model' database_2            
2 4 'Structure model' pdbx_nmr_software     
3 4 'Structure model' pdbx_struct_assembly  
4 4 'Structure model' pdbx_struct_oper_list 
5 4 'Structure model' struct_conn           
6 5 'Structure model' chem_comp_atom        
7 5 'Structure model' chem_comp_bond        
# 
loop_
_pdbx_audit_revision_item.ordinal 
_pdbx_audit_revision_item.revision_ordinal 
_pdbx_audit_revision_item.data_content_type 
_pdbx_audit_revision_item.item 
1 4 'Structure model' '_database_2.pdbx_DOI'                
2 4 'Structure model' '_database_2.pdbx_database_accession' 
3 4 'Structure model' '_pdbx_nmr_software.name'             
4 4 'Structure model' '_struct_conn.pdbx_leaving_atom_flag' 
# 
_pdbx_database_status.status_code                     REL 
_pdbx_database_status.entry_id                        1GJ0 
_pdbx_database_status.recvd_initial_deposition_date   2000-10-31 
_pdbx_database_status.deposit_site                    RCSB 
_pdbx_database_status.process_site                    RCSB 
_pdbx_database_status.SG_entry                        . 
_pdbx_database_status.pdb_format_compatible           Y 
_pdbx_database_status.status_code_mr                  ? 
_pdbx_database_status.status_code_sf                  ? 
_pdbx_database_status.status_code_cs                  ? 
_pdbx_database_status.status_code_nmr_data            ? 
_pdbx_database_status.methods_development_category    ? 
# 
loop_
_pdbx_database_related.db_name 
_pdbx_database_related.db_id 
_pdbx_database_related.details 
_pdbx_database_related.content_type 
PDB 1A9I 'Apyrimidinic Dna With Bound Water At The Damaged Site, Alpha Form, Nmr, 1 Structure'                      unspecified 
PDB 1A9J 'Apyrimidinic Dna With Bound Water At The Damaged Site, Beta Form, Nmr, 1 Structure'                       unspecified 
PDB 1G5E 'Ensemble: NMR Structure of an Oligonucleotide Containing an Abasic Site: Beta Anomer'                     unspecified 
PDB 1G5D 'Ensemble: NMR Structure of an Oligonucleotide Containing an Abasic Site: Alpha Anomer'                    unspecified 
PDB 1GIZ 'Minimized Average Structure: NMR Structure of an Oligonucleotide Containing an Abasic Site: Alpha Anomer' unspecified 
# 
loop_
_audit_author.name 
_audit_author.pdbx_ordinal 
'Hoehn, S.T.'  1 
'Turner, C.J.' 2 
'Stubbe, J.'   3 
# 
_citation.id                        primary 
_citation.title                     
'Solution structure of an oligonucleotide containing an abasic site: evidence for an unusual deoxyribose conformation.' 
_citation.journal_abbrev            'Nucleic Acids Res.' 
_citation.journal_volume            29 
_citation.page_first                3413 
_citation.page_last                 3423 
_citation.year                      2001 
_citation.journal_id_ASTM           NARHAD 
_citation.country                   UK 
_citation.journal_id_ISSN           0305-1048 
_citation.journal_id_CSD            0389 
_citation.book_publisher            ? 
_citation.pdbx_database_id_PubMed   11504879 
_citation.pdbx_database_id_DOI      10.1093/nar/29.16.3413 
# 
loop_
_citation_author.citation_id 
_citation_author.name 
_citation_author.ordinal 
_citation_author.identifier_ORCID 
primary 'Hoehn, S.T.'  1 ? 
primary 'Turner, C.J.' 2 ? 
primary 'Stubbe, J.'   3 ? 
# 
loop_
_entity.id 
_entity.type 
_entity.src_method 
_entity.pdbx_description 
_entity.formula_weight 
_entity.pdbx_number_of_molecules 
_entity.pdbx_ec 
_entity.pdbx_mutation 
_entity.pdbx_fragment 
_entity.details 
1 polymer syn "5'-D(*CP*CP*AP*AP*AP*GP*(AAB)P*AP*CP*TP*GP*GP*G)-3'" 3892.526 1 ? ? ? ? 
2 polymer syn "5'-D(*CP*CP*CP*AP*GP*TP*AP*CP*TP*TP*TP*GP*G)-3'"     3942.572 1 ? ? ? ? 
# 
loop_
_entity_poly.entity_id 
_entity_poly.type 
_entity_poly.nstd_linkage 
_entity_poly.nstd_monomer 
_entity_poly.pdbx_seq_one_letter_code 
_entity_poly.pdbx_seq_one_letter_code_can 
_entity_poly.pdbx_strand_id 
_entity_poly.pdbx_target_identifier 
1 polydeoxyribonucleotide no yes '(DC)(DC)(DA)(DA)(DA)(DG)(AAB)(DA)(DC)(DT)(DG)(DG)(DG)' CCAAAGXACTGGG A ? 
2 polydeoxyribonucleotide no no  '(DC)(DC)(DC)(DA)(DG)(DT)(DA)(DC)(DT)(DT)(DT)(DG)(DG)'  CCCAGTACTTTGG B ? 
# 
loop_
_entity_poly_seq.entity_id 
_entity_poly_seq.num 
_entity_poly_seq.mon_id 
_entity_poly_seq.hetero 
1 1  DC  n 
1 2  DC  n 
1 3  DA  n 
1 4  DA  n 
1 5  DA  n 
1 6  DG  n 
1 7  AAB n 
1 8  DA  n 
1 9  DC  n 
1 10 DT  n 
1 11 DG  n 
1 12 DG  n 
1 13 DG  n 
2 1  DC  n 
2 2  DC  n 
2 3  DC  n 
2 4  DA  n 
2 5  DG  n 
2 6  DT  n 
2 7  DA  n 
2 8  DC  n 
2 9  DT  n 
2 10 DT  n 
2 11 DT  n 
2 12 DG  n 
2 13 DG  n 
# 
loop_
_chem_comp.id 
_chem_comp.type 
_chem_comp.mon_nstd_flag 
_chem_comp.name 
_chem_comp.pdbx_synonyms 
_chem_comp.formula 
_chem_comp.formula_weight 
AAB 'DNA linking' . "2'-DEOXY-RIBOFURANOSE-5'-MONOPHOSPHATE" 'ABASIC DEOXYRIBOSE' 'C5 H11 O7 P'     214.110 
DA  'DNA linking' y "2'-DEOXYADENOSINE-5'-MONOPHOSPHATE"     ?                    'C10 H14 N5 O6 P' 331.222 
DC  'DNA linking' y "2'-DEOXYCYTIDINE-5'-MONOPHOSPHATE"      ?                    'C9 H14 N3 O7 P'  307.197 
DG  'DNA linking' y "2'-DEOXYGUANOSINE-5'-MONOPHOSPHATE"     ?                    'C10 H14 N5 O7 P' 347.221 
DT  'DNA linking' y "THYMIDINE-5'-MONOPHOSPHATE"             ?                    'C10 H15 N2 O8 P' 322.208 
# 
loop_
_pdbx_poly_seq_scheme.asym_id 
_pdbx_poly_seq_scheme.entity_id 
_pdbx_poly_seq_scheme.seq_id 
_pdbx_poly_seq_scheme.mon_id 
_pdbx_poly_seq_scheme.ndb_seq_num 
_pdbx_poly_seq_scheme.pdb_seq_num 
_pdbx_poly_seq_scheme.auth_seq_num 
_pdbx_poly_seq_scheme.pdb_mon_id 
_pdbx_poly_seq_scheme.auth_mon_id 
_pdbx_poly_seq_scheme.pdb_strand_id 
_pdbx_poly_seq_scheme.pdb_ins_code 
_pdbx_poly_seq_scheme.hetero 
A 1 1  DC  1  1  1  DC  C   A . n 
A 1 2  DC  2  2  2  DC  C   A . n 
A 1 3  DA  3  3  3  DA  A   A . n 
A 1 4  DA  4  4  4  DA  A   A . n 
A 1 5  DA  5  5  5  DA  A   A . n 
A 1 6  DG  6  6  6  DG  G   A . n 
A 1 7  AAB 7  7  7  AAB D1P A . n 
A 1 8  DA  8  8  8  DA  A   A . n 
A 1 9  DC  9  9  9  DC  C   A . n 
A 1 10 DT  10 10 10 DT  T   A . n 
A 1 11 DG  11 11 11 DG  G   A . n 
A 1 12 DG  12 12 12 DG  G   A . n 
A 1 13 DG  13 13 13 DG  G   A . n 
B 2 1  DC  1  14 14 DC  C   B . n 
B 2 2  DC  2  15 15 DC  C   B . n 
B 2 3  DC  3  16 16 DC  C   B . n 
B 2 4  DA  4  17 17 DA  A   B . n 
B 2 5  DG  5  18 18 DG  G   B . n 
B 2 6  DT  6  19 19 DT  T   B . n 
B 2 7  DA  7  20 20 DA  A   B . n 
B 2 8  DC  8  21 21 DC  C   B . n 
B 2 9  DT  9  22 22 DT  T   B . n 
B 2 10 DT  10 23 23 DT  T   B . n 
B 2 11 DT  11 24 24 DT  T   B . n 
B 2 12 DG  12 25 25 DG  G   B . n 
B 2 13 DG  13 26 26 DG  G   B . n 
# 
_cell.entry_id           1GJ0 
_cell.length_a           1.000 
_cell.length_b           1.000 
_cell.length_c           1.000 
_cell.angle_alpha        90.00 
_cell.angle_beta         90.00 
_cell.angle_gamma        90.00 
_cell.Z_PDB              1 
_cell.pdbx_unique_axis   ? 
# 
_symmetry.entry_id                         1GJ0 
_symmetry.space_group_name_H-M             'P 1' 
_symmetry.pdbx_full_space_group_name_H-M   ? 
_symmetry.cell_setting                     ? 
_symmetry.Int_Tables_number                1 
# 
_exptl.entry_id          1GJ0 
_exptl.method            'SOLUTION NMR' 
_exptl.crystals_number   ? 
# 
_exptl_crystal.id                    1 
_exptl_crystal.density_meas          ? 
_exptl_crystal.density_percent_sol   ? 
_exptl_crystal.density_Matthews      ? 
_exptl_crystal.description           ? 
# 
_diffrn.id                     1 
_diffrn.ambient_temp           ? 
_diffrn.ambient_temp_details   ? 
_diffrn.crystal_id             1 
# 
_diffrn_radiation.diffrn_id                        1 
_diffrn_radiation.wavelength_id                    1 
_diffrn_radiation.monochromator                    ? 
_diffrn_radiation.pdbx_monochromatic_or_laue_m_l   M 
_diffrn_radiation.pdbx_diffrn_protocol             'SINGLE WAVELENGTH' 
_diffrn_radiation.pdbx_scattering_type             ? 
# 
_diffrn_radiation_wavelength.id           1 
_diffrn_radiation_wavelength.wavelength   . 
_diffrn_radiation_wavelength.wt           1.0 
# 
_struct.entry_id                  1GJ0 
_struct.title                     'NMR STRUCTURE OF AN OLIGONUCLEOTIDE CONTAINING AN ABASIC SITE: BETA ANOMER' 
_struct.pdbx_model_details        ? 
_struct.pdbx_CASP_flag            ? 
_struct.pdbx_model_type_details   ? 
# 
_struct_keywords.entry_id        1GJ0 
_struct_keywords.pdbx_keywords   DNA 
_struct_keywords.text            'DAMAGED DNA, APYRIMIDINIC SITE, DNA' 
# 
loop_
_struct_asym.id 
_struct_asym.pdbx_blank_PDB_chainid_flag 
_struct_asym.pdbx_modified 
_struct_asym.entity_id 
_struct_asym.details 
A N N 1 ? 
B N N 2 ? 
# 
loop_
_struct_ref.id 
_struct_ref.entity_id 
_struct_ref.db_name 
_struct_ref.db_code 
_struct_ref.pdbx_db_accession 
_struct_ref.pdbx_db_isoform 
_struct_ref.pdbx_seq_one_letter_code 
_struct_ref.pdbx_align_begin 
1 1 PDB 1GJ0 1GJ0 ? ? ? 
2 2 PDB 1GJ0 1GJ0 ? ? ? 
# 
loop_
_struct_ref_seq.align_id 
_struct_ref_seq.ref_id 
_struct_ref_seq.pdbx_PDB_id_code 
_struct_ref_seq.pdbx_strand_id 
_struct_ref_seq.seq_align_beg 
_struct_ref_seq.pdbx_seq_align_beg_ins_code 
_struct_ref_seq.seq_align_end 
_struct_ref_seq.pdbx_seq_align_end_ins_code 
_struct_ref_seq.pdbx_db_accession 
_struct_ref_seq.db_align_beg 
_struct_ref_seq.pdbx_db_align_beg_ins_code 
_struct_ref_seq.db_align_end 
_struct_ref_seq.pdbx_db_align_end_ins_code 
_struct_ref_seq.pdbx_auth_seq_align_beg 
_struct_ref_seq.pdbx_auth_seq_align_end 
1 1 1GJ0 A 1 ? 13 ? 1GJ0 1  ? 13 ? 1  13 
2 2 1GJ0 B 1 ? 13 ? 1GJ0 14 ? 26 ? 14 26 
# 
_pdbx_struct_assembly.id                   1 
_pdbx_struct_assembly.details              author_defined_assembly 
_pdbx_struct_assembly.method_details       ? 
_pdbx_struct_assembly.oligomeric_details   dimeric 
_pdbx_struct_assembly.oligomeric_count     2 
# 
_pdbx_struct_assembly_gen.assembly_id       1 
_pdbx_struct_assembly_gen.oper_expression   1 
_pdbx_struct_assembly_gen.asym_id_list      A,B 
# 
_pdbx_struct_oper_list.id                   1 
_pdbx_struct_oper_list.type                 'identity operation' 
_pdbx_struct_oper_list.name                 1_555 
_pdbx_struct_oper_list.symmetry_operation   x,y,z 
_pdbx_struct_oper_list.matrix[1][1]         1.0000000000 
_pdbx_struct_oper_list.matrix[1][2]         0.0000000000 
_pdbx_struct_oper_list.matrix[1][3]         0.0000000000 
_pdbx_struct_oper_list.vector[1]            0.0000000000 
_pdbx_struct_oper_list.matrix[2][1]         0.0000000000 
_pdbx_struct_oper_list.matrix[2][2]         1.0000000000 
_pdbx_struct_oper_list.matrix[2][3]         0.0000000000 
_pdbx_struct_oper_list.vector[2]            0.0000000000 
_pdbx_struct_oper_list.matrix[3][1]         0.0000000000 
_pdbx_struct_oper_list.matrix[3][2]         0.0000000000 
_pdbx_struct_oper_list.matrix[3][3]         1.0000000000 
_pdbx_struct_oper_list.vector[3]            0.0000000000 
# 
_struct_biol.id                    1 
_struct_biol.pdbx_parent_biol_id   ? 
_struct_biol.details               ? 
# 
loop_
_struct_conn.id 
_struct_conn.conn_type_id 
_struct_conn.pdbx_leaving_atom_flag 
_struct_conn.pdbx_PDB_id 
_struct_conn.ptnr1_label_asym_id 
_struct_conn.ptnr1_label_comp_id 
_struct_conn.ptnr1_label_seq_id 
_struct_conn.ptnr1_label_atom_id 
_struct_conn.pdbx_ptnr1_label_alt_id 
_struct_conn.pdbx_ptnr1_PDB_ins_code 
_struct_conn.pdbx_ptnr1_standard_comp_id 
_struct_conn.ptnr1_symmetry 
_struct_conn.ptnr2_label_asym_id 
_struct_conn.ptnr2_label_comp_id 
_struct_conn.ptnr2_label_seq_id 
_struct_conn.ptnr2_label_atom_id 
_struct_conn.pdbx_ptnr2_label_alt_id 
_struct_conn.pdbx_ptnr2_PDB_ins_code 
_struct_conn.ptnr1_auth_asym_id 
_struct_conn.ptnr1_auth_comp_id 
_struct_conn.ptnr1_auth_seq_id 
_struct_conn.ptnr2_auth_asym_id 
_struct_conn.ptnr2_auth_comp_id 
_struct_conn.ptnr2_auth_seq_id 
_struct_conn.ptnr2_symmetry 
_struct_conn.pdbx_ptnr3_label_atom_id 
_struct_conn.pdbx_ptnr3_label_seq_id 
_struct_conn.pdbx_ptnr3_label_comp_id 
_struct_conn.pdbx_ptnr3_label_asym_id 
_struct_conn.pdbx_ptnr3_label_alt_id 
_struct_conn.pdbx_ptnr3_PDB_ins_code 
_struct_conn.details 
_struct_conn.pdbx_dist_value 
_struct_conn.pdbx_value_order 
_struct_conn.pdbx_role 
covale1  covale one ? A DG  6  "O3'" ? ? ? 1_555 A AAB 7  P  ? ? A DG  6  A AAB 7  1_555 ? ? ? ? ? ? ?            1.585 ? ? 
covale2  covale one ? A AAB 7  "O3'" ? ? ? 1_555 A DA  8  P  ? ? A AAB 7  A DA  8  1_555 ? ? ? ? ? ? ?            1.582 ? ? 
hydrog1  hydrog ?   ? A DC  1  N3    ? ? ? 1_555 B DG  13 N1 ? ? A DC  1  B DG  26 1_555 ? ? ? ? ? ? WATSON-CRICK ?     ? ? 
hydrog2  hydrog ?   ? A DC  1  N4    ? ? ? 1_555 B DG  13 O6 ? ? A DC  1  B DG  26 1_555 ? ? ? ? ? ? WATSON-CRICK ?     ? ? 
hydrog3  hydrog ?   ? A DC  1  O2    ? ? ? 1_555 B DG  13 N2 ? ? A DC  1  B DG  26 1_555 ? ? ? ? ? ? WATSON-CRICK ?     ? ? 
hydrog4  hydrog ?   ? A DC  2  N3    ? ? ? 1_555 B DG  12 N1 ? ? A DC  2  B DG  25 1_555 ? ? ? ? ? ? WATSON-CRICK ?     ? ? 
hydrog5  hydrog ?   ? A DC  2  N4    ? ? ? 1_555 B DG  12 O6 ? ? A DC  2  B DG  25 1_555 ? ? ? ? ? ? WATSON-CRICK ?     ? ? 
hydrog6  hydrog ?   ? A DC  2  O2    ? ? ? 1_555 B DG  12 N2 ? ? A DC  2  B DG  25 1_555 ? ? ? ? ? ? WATSON-CRICK ?     ? ? 
hydrog7  hydrog ?   ? A DA  3  N1    ? ? ? 1_555 B DT  11 N3 ? ? A DA  3  B DT  24 1_555 ? ? ? ? ? ? WATSON-CRICK ?     ? ? 
hydrog8  hydrog ?   ? A DA  3  N6    ? ? ? 1_555 B DT  11 O4 ? ? A DA  3  B DT  24 1_555 ? ? ? ? ? ? WATSON-CRICK ?     ? ? 
hydrog9  hydrog ?   ? A DA  4  N1    ? ? ? 1_555 B DT  10 N3 ? ? A DA  4  B DT  23 1_555 ? ? ? ? ? ? WATSON-CRICK ?     ? ? 
hydrog10 hydrog ?   ? A DA  4  N6    ? ? ? 1_555 B DT  10 O4 ? ? A DA  4  B DT  23 1_555 ? ? ? ? ? ? WATSON-CRICK ?     ? ? 
hydrog11 hydrog ?   ? A DA  5  N1    ? ? ? 1_555 B DT  9  N3 ? ? A DA  5  B DT  22 1_555 ? ? ? ? ? ? WATSON-CRICK ?     ? ? 
hydrog12 hydrog ?   ? A DA  5  N6    ? ? ? 1_555 B DT  9  O4 ? ? A DA  5  B DT  22 1_555 ? ? ? ? ? ? WATSON-CRICK ?     ? ? 
hydrog13 hydrog ?   ? A DG  6  N1    ? ? ? 1_555 B DC  8  N3 ? ? A DG  6  B DC  21 1_555 ? ? ? ? ? ? WATSON-CRICK ?     ? ? 
hydrog14 hydrog ?   ? A DG  6  N2    ? ? ? 1_555 B DC  8  O2 ? ? A DG  6  B DC  21 1_555 ? ? ? ? ? ? WATSON-CRICK ?     ? ? 
hydrog15 hydrog ?   ? A DG  6  O6    ? ? ? 1_555 B DC  8  N4 ? ? A DG  6  B DC  21 1_555 ? ? ? ? ? ? WATSON-CRICK ?     ? ? 
hydrog16 hydrog ?   ? A DA  8  N1    ? ? ? 1_555 B DT  6  N3 ? ? A DA  8  B DT  19 1_555 ? ? ? ? ? ? WATSON-CRICK ?     ? ? 
hydrog17 hydrog ?   ? A DA  8  N6    ? ? ? 1_555 B DT  6  O4 ? ? A DA  8  B DT  19 1_555 ? ? ? ? ? ? WATSON-CRICK ?     ? ? 
hydrog18 hydrog ?   ? A DC  9  N3    ? ? ? 1_555 B DG  5  N1 ? ? A DC  9  B DG  18 1_555 ? ? ? ? ? ? WATSON-CRICK ?     ? ? 
hydrog19 hydrog ?   ? A DC  9  N4    ? ? ? 1_555 B DG  5  O6 ? ? A DC  9  B DG  18 1_555 ? ? ? ? ? ? WATSON-CRICK ?     ? ? 
hydrog20 hydrog ?   ? A DC  9  O2    ? ? ? 1_555 B DG  5  N2 ? ? A DC  9  B DG  18 1_555 ? ? ? ? ? ? WATSON-CRICK ?     ? ? 
hydrog21 hydrog ?   ? A DT  10 N3    ? ? ? 1_555 B DA  4  N1 ? ? A DT  10 B DA  17 1_555 ? ? ? ? ? ? WATSON-CRICK ?     ? ? 
hydrog22 hydrog ?   ? A DT  10 O4    ? ? ? 1_555 B DA  4  N6 ? ? A DT  10 B DA  17 1_555 ? ? ? ? ? ? WATSON-CRICK ?     ? ? 
hydrog23 hydrog ?   ? A DG  11 N1    ? ? ? 1_555 B DC  3  N3 ? ? A DG  11 B DC  16 1_555 ? ? ? ? ? ? WATSON-CRICK ?     ? ? 
hydrog24 hydrog ?   ? A DG  11 N2    ? ? ? 1_555 B DC  3  O2 ? ? A DG  11 B DC  16 1_555 ? ? ? ? ? ? WATSON-CRICK ?     ? ? 
hydrog25 hydrog ?   ? A DG  11 O6    ? ? ? 1_555 B DC  3  N4 ? ? A DG  11 B DC  16 1_555 ? ? ? ? ? ? WATSON-CRICK ?     ? ? 
hydrog26 hydrog ?   ? A DG  12 N1    ? ? ? 1_555 B DC  2  N3 ? ? A DG  12 B DC  15 1_555 ? ? ? ? ? ? WATSON-CRICK ?     ? ? 
hydrog27 hydrog ?   ? A DG  12 N2    ? ? ? 1_555 B DC  2  O2 ? ? A DG  12 B DC  15 1_555 ? ? ? ? ? ? WATSON-CRICK ?     ? ? 
hydrog28 hydrog ?   ? A DG  12 O6    ? ? ? 1_555 B DC  2  N4 ? ? A DG  12 B DC  15 1_555 ? ? ? ? ? ? WATSON-CRICK ?     ? ? 
hydrog29 hydrog ?   ? A DG  13 N1    ? ? ? 1_555 B DC  1  N3 ? ? A DG  13 B DC  14 1_555 ? ? ? ? ? ? WATSON-CRICK ?     ? ? 
hydrog30 hydrog ?   ? A DG  13 N2    ? ? ? 1_555 B DC  1  O2 ? ? A DG  13 B DC  14 1_555 ? ? ? ? ? ? WATSON-CRICK ?     ? ? 
hydrog31 hydrog ?   ? A DG  13 O6    ? ? ? 1_555 B DC  1  N4 ? ? A DG  13 B DC  14 1_555 ? ? ? ? ? ? WATSON-CRICK ?     ? ? 
# 
loop_
_struct_conn_type.id 
_struct_conn_type.criteria 
_struct_conn_type.reference 
covale ? ? 
hydrog ? ? 
# 
loop_
_pdbx_validate_rmsd_bond.id 
_pdbx_validate_rmsd_bond.PDB_model_num 
_pdbx_validate_rmsd_bond.auth_atom_id_1 
_pdbx_validate_rmsd_bond.auth_asym_id_1 
_pdbx_validate_rmsd_bond.auth_comp_id_1 
_pdbx_validate_rmsd_bond.auth_seq_id_1 
_pdbx_validate_rmsd_bond.PDB_ins_code_1 
_pdbx_validate_rmsd_bond.label_alt_id_1 
_pdbx_validate_rmsd_bond.auth_atom_id_2 
_pdbx_validate_rmsd_bond.auth_asym_id_2 
_pdbx_validate_rmsd_bond.auth_comp_id_2 
_pdbx_validate_rmsd_bond.auth_seq_id_2 
_pdbx_validate_rmsd_bond.PDB_ins_code_2 
_pdbx_validate_rmsd_bond.label_alt_id_2 
_pdbx_validate_rmsd_bond.bond_value 
_pdbx_validate_rmsd_bond.bond_target_value 
_pdbx_validate_rmsd_bond.bond_deviation 
_pdbx_validate_rmsd_bond.bond_standard_deviation 
_pdbx_validate_rmsd_bond.linker_flag 
1 1 N9    A DA 4  ? ? C4    A DA 4  ? ? 1.413 1.374 0.039 0.006 N 
2 1 "C5'" A DT 10 ? ? "C4'" A DT 10 ? ? 1.555 1.512 0.043 0.007 N 
3 1 N1    B DT 22 ? ? C2    B DT 22 ? ? 1.425 1.376 0.049 0.008 N 
# 
loop_
_pdbx_validate_rmsd_angle.id 
_pdbx_validate_rmsd_angle.PDB_model_num 
_pdbx_validate_rmsd_angle.auth_atom_id_1 
_pdbx_validate_rmsd_angle.auth_asym_id_1 
_pdbx_validate_rmsd_angle.auth_comp_id_1 
_pdbx_validate_rmsd_angle.auth_seq_id_1 
_pdbx_validate_rmsd_angle.PDB_ins_code_1 
_pdbx_validate_rmsd_angle.label_alt_id_1 
_pdbx_validate_rmsd_angle.auth_atom_id_2 
_pdbx_validate_rmsd_angle.auth_asym_id_2 
_pdbx_validate_rmsd_angle.auth_comp_id_2 
_pdbx_validate_rmsd_angle.auth_seq_id_2 
_pdbx_validate_rmsd_angle.PDB_ins_code_2 
_pdbx_validate_rmsd_angle.label_alt_id_2 
_pdbx_validate_rmsd_angle.auth_atom_id_3 
_pdbx_validate_rmsd_angle.auth_asym_id_3 
_pdbx_validate_rmsd_angle.auth_comp_id_3 
_pdbx_validate_rmsd_angle.auth_seq_id_3 
_pdbx_validate_rmsd_angle.PDB_ins_code_3 
_pdbx_validate_rmsd_angle.label_alt_id_3 
_pdbx_validate_rmsd_angle.angle_value 
_pdbx_validate_rmsd_angle.angle_target_value 
_pdbx_validate_rmsd_angle.angle_deviation 
_pdbx_validate_rmsd_angle.angle_standard_deviation 
_pdbx_validate_rmsd_angle.linker_flag 
1  1 N1    A DA 3  ? ? C6    A DA 3  ? ? N6 A DA 3  ? ? 122.78 118.60 4.18  0.60 N 
2  1 N1    A DA 5  ? ? C6    A DA 5  ? ? N6 A DA 5  ? ? 124.08 118.60 5.48  0.60 N 
3  1 C5    A DA 5  ? ? C6    A DA 5  ? ? N6 A DA 5  ? ? 118.68 123.70 -5.02 0.80 N 
4  1 N3    A DG 6  ? ? C2    A DG 6  ? ? N2 A DG 6  ? ? 124.56 119.90 4.66  0.70 N 
5  1 N1    A DA 8  ? ? C6    A DA 8  ? ? N6 A DA 8  ? ? 124.29 118.60 5.69  0.60 N 
6  1 N3    A DG 12 ? ? C2    A DG 12 ? ? N2 A DG 12 ? ? 124.66 119.90 4.76  0.70 N 
7  1 N3    A DG 13 ? ? C2    A DG 13 ? ? N2 A DG 13 ? ? 125.21 119.90 5.31  0.70 N 
8  1 N1    B DA 17 ? ? C6    B DA 17 ? ? N6 B DA 17 ? ? 123.29 118.60 4.69  0.60 N 
9  1 "C3'" B DA 17 ? ? "O3'" B DA 17 ? ? P  B DG 18 ? ? 127.45 119.70 7.75  1.20 Y 
10 1 N3    B DG 18 ? ? C2    B DG 18 ? ? N2 B DG 18 ? ? 124.90 119.90 5.00  0.70 N 
11 1 N1    B DA 20 ? ? C6    B DA 20 ? ? N6 B DA 20 ? ? 122.93 118.60 4.33  0.60 N 
12 1 N1    B DC 21 ? ? C2    B DC 21 ? ? O2 B DC 21 ? ? 122.64 118.90 3.74  0.60 N 
13 1 "C3'" B DC 21 ? ? "O3'" B DC 21 ? ? P  B DT 22 ? ? 129.00 119.70 9.30  1.20 Y 
14 1 "C3'" B DT 22 ? ? "O3'" B DT 22 ? ? P  B DT 23 ? ? 127.31 119.70 7.61  1.20 Y 
15 1 N3    B DG 25 ? ? C2    B DG 25 ? ? N2 B DG 25 ? ? 124.36 119.90 4.46  0.70 N 
16 1 N3    B DG 26 ? ? C2    B DG 26 ? ? N2 B DG 26 ? ? 124.86 119.90 4.96  0.70 N 
# 
loop_
_pdbx_validate_planes.id 
_pdbx_validate_planes.PDB_model_num 
_pdbx_validate_planes.auth_comp_id 
_pdbx_validate_planes.auth_asym_id 
_pdbx_validate_planes.auth_seq_id 
_pdbx_validate_planes.PDB_ins_code 
_pdbx_validate_planes.label_alt_id 
_pdbx_validate_planes.rmsd 
_pdbx_validate_planes.type 
1 1 DA A 8  ? ? 0.079 'SIDE CHAIN' 
2 1 DG A 11 ? ? 0.090 'SIDE CHAIN' 
3 1 DT B 22 ? ? 0.075 'SIDE CHAIN' 
4 1 DG B 25 ? ? 0.065 'SIDE CHAIN' 
# 
_pdbx_nmr_ensemble.entry_id                             1GJ0 
_pdbx_nmr_ensemble.conformers_calculated_total_number   ? 
_pdbx_nmr_ensemble.conformers_submitted_total_number    1 
_pdbx_nmr_ensemble.conformer_selection_criteria         ? 
# 
loop_
_pdbx_nmr_sample_details.solution_id 
_pdbx_nmr_sample_details.contents 
_pdbx_nmr_sample_details.solvent_system 
1 '2.5 mM abasic site containing duplex oligonucleotide; 10 mM sodium phosphate buffer' D2O                
2 '2.5 mM abasic site containing duplex oligonucleotide; 10 mM sodium phosphate buffer' '10% D2O, 90% H2O' 
3 '3 mM abasic site containing duplex oligonucleotide; 10 mM sodium phosphate buffer'   D2O                
# 
loop_
_pdbx_nmr_exptl_sample_conditions.conditions_id 
_pdbx_nmr_exptl_sample_conditions.temperature 
_pdbx_nmr_exptl_sample_conditions.pressure 
_pdbx_nmr_exptl_sample_conditions.pH 
_pdbx_nmr_exptl_sample_conditions.ionic_strength 
_pdbx_nmr_exptl_sample_conditions.pressure_units 
_pdbx_nmr_exptl_sample_conditions.temperature_units 
1 293 ambient 6.8 '10 mM sodium phosphate buffer' ? K 
2 278 ambient 6.8 '10 mM sodium phosphate buffer' ? K 
3 298 ambient 6.8 '10 mM sodium phosphate buffer' ? K 
# 
loop_
_pdbx_nmr_exptl.experiment_id 
_pdbx_nmr_exptl.solution_id 
_pdbx_nmr_exptl.conditions_id 
_pdbx_nmr_exptl.type 
1 1 1 NOESY                         
2 1 1 PE-COSY                       
3 2 2 watergate-NOESY               
4 3 3 31P-HCOSY                     
5 3 3 31P-decoupled-PE-COSY         
6 3 3 31P-decoupled-J-scaled-DQCOSY 
# 
_pdbx_nmr_details.entry_id   1GJ0 
_pdbx_nmr_details.text       
;THE ABASIC SITE DEOXYRIBOSE 1H-1H COUPLING CONSTANTS AND THE DNA 31P-H3' COUPLING CONSTANTS WERE EXPERIMENTALLY DETERMINED. THIS INFORMATION WAS USED IN THE MODELING PROTOCOL.
;
# 
_pdbx_nmr_refine.entry_id           1GJ0 
_pdbx_nmr_refine.method             'molecular dynamics' 
_pdbx_nmr_refine.details            
'THE STRUCTURE IS BASED ON 475 NOE-DERIVED DISTANCE CONSTRAINTS AND 101 DIHEDRAL ANGLE RESTRAINTS.' 
_pdbx_nmr_refine.software_ordinal   1 
# 
loop_
_pdbx_nmr_software.name 
_pdbx_nmr_software.version 
_pdbx_nmr_software.classification 
_pdbx_nmr_software.authors 
_pdbx_nmr_software.ordinal 
X-PLOR 3.851 'structure solution' Brunger 1 
Felix  95.0  processing           MSI     2 
Felix  95.0  'data analysis'      MSI     3 
X-PLOR 3.851 refinement           Brunger 4 
# 
loop_
_chem_comp_atom.comp_id 
_chem_comp_atom.atom_id 
_chem_comp_atom.type_symbol 
_chem_comp_atom.pdbx_aromatic_flag 
_chem_comp_atom.pdbx_stereo_config 
_chem_comp_atom.pdbx_ordinal 
AAB P      P N N 1   
AAB O1P    O N N 2   
AAB O2P    O N N 3   
AAB O3P    O N N 4   
AAB "O5'"  O N N 5   
AAB "C5'"  C N N 6   
AAB "C4'"  C N R 7   
AAB "O4'"  O N N 8   
AAB "C1'"  C N R 9   
AAB "O1'"  O N N 10  
AAB "C2'"  C N N 11  
AAB "C3'"  C N S 12  
AAB "O3'"  O N N 13  
AAB H1P    H N N 14  
AAB H3P    H N N 15  
AAB "H5'1" H N N 16  
AAB "H5'2" H N N 17  
AAB "H4'"  H N N 18  
AAB "H1'"  H N N 19  
AAB "HO1'" H N N 20  
AAB "H2'1" H N N 21  
AAB "H2'2" H N N 22  
AAB "H3'"  H N N 23  
AAB "HO3'" H N N 24  
DA  OP3    O N N 25  
DA  P      P N N 26  
DA  OP1    O N N 27  
DA  OP2    O N N 28  
DA  "O5'"  O N N 29  
DA  "C5'"  C N N 30  
DA  "C4'"  C N R 31  
DA  "O4'"  O N N 32  
DA  "C3'"  C N S 33  
DA  "O3'"  O N N 34  
DA  "C2'"  C N N 35  
DA  "C1'"  C N R 36  
DA  N9     N Y N 37  
DA  C8     C Y N 38  
DA  N7     N Y N 39  
DA  C5     C Y N 40  
DA  C6     C Y N 41  
DA  N6     N N N 42  
DA  N1     N Y N 43  
DA  C2     C Y N 44  
DA  N3     N Y N 45  
DA  C4     C Y N 46  
DA  HOP3   H N N 47  
DA  HOP2   H N N 48  
DA  "H5'"  H N N 49  
DA  "H5''" H N N 50  
DA  "H4'"  H N N 51  
DA  "H3'"  H N N 52  
DA  "HO3'" H N N 53  
DA  "H2'"  H N N 54  
DA  "H2''" H N N 55  
DA  "H1'"  H N N 56  
DA  H8     H N N 57  
DA  H61    H N N 58  
DA  H62    H N N 59  
DA  H2     H N N 60  
DC  OP3    O N N 61  
DC  P      P N N 62  
DC  OP1    O N N 63  
DC  OP2    O N N 64  
DC  "O5'"  O N N 65  
DC  "C5'"  C N N 66  
DC  "C4'"  C N R 67  
DC  "O4'"  O N N 68  
DC  "C3'"  C N S 69  
DC  "O3'"  O N N 70  
DC  "C2'"  C N N 71  
DC  "C1'"  C N R 72  
DC  N1     N N N 73  
DC  C2     C N N 74  
DC  O2     O N N 75  
DC  N3     N N N 76  
DC  C4     C N N 77  
DC  N4     N N N 78  
DC  C5     C N N 79  
DC  C6     C N N 80  
DC  HOP3   H N N 81  
DC  HOP2   H N N 82  
DC  "H5'"  H N N 83  
DC  "H5''" H N N 84  
DC  "H4'"  H N N 85  
DC  "H3'"  H N N 86  
DC  "HO3'" H N N 87  
DC  "H2'"  H N N 88  
DC  "H2''" H N N 89  
DC  "H1'"  H N N 90  
DC  H41    H N N 91  
DC  H42    H N N 92  
DC  H5     H N N 93  
DC  H6     H N N 94  
DG  OP3    O N N 95  
DG  P      P N N 96  
DG  OP1    O N N 97  
DG  OP2    O N N 98  
DG  "O5'"  O N N 99  
DG  "C5'"  C N N 100 
DG  "C4'"  C N R 101 
DG  "O4'"  O N N 102 
DG  "C3'"  C N S 103 
DG  "O3'"  O N N 104 
DG  "C2'"  C N N 105 
DG  "C1'"  C N R 106 
DG  N9     N Y N 107 
DG  C8     C Y N 108 
DG  N7     N Y N 109 
DG  C5     C Y N 110 
DG  C6     C N N 111 
DG  O6     O N N 112 
DG  N1     N N N 113 
DG  C2     C N N 114 
DG  N2     N N N 115 
DG  N3     N N N 116 
DG  C4     C Y N 117 
DG  HOP3   H N N 118 
DG  HOP2   H N N 119 
DG  "H5'"  H N N 120 
DG  "H5''" H N N 121 
DG  "H4'"  H N N 122 
DG  "H3'"  H N N 123 
DG  "HO3'" H N N 124 
DG  "H2'"  H N N 125 
DG  "H2''" H N N 126 
DG  "H1'"  H N N 127 
DG  H8     H N N 128 
DG  H1     H N N 129 
DG  H21    H N N 130 
DG  H22    H N N 131 
DT  OP3    O N N 132 
DT  P      P N N 133 
DT  OP1    O N N 134 
DT  OP2    O N N 135 
DT  "O5'"  O N N 136 
DT  "C5'"  C N N 137 
DT  "C4'"  C N R 138 
DT  "O4'"  O N N 139 
DT  "C3'"  C N S 140 
DT  "O3'"  O N N 141 
DT  "C2'"  C N N 142 
DT  "C1'"  C N R 143 
DT  N1     N N N 144 
DT  C2     C N N 145 
DT  O2     O N N 146 
DT  N3     N N N 147 
DT  C4     C N N 148 
DT  O4     O N N 149 
DT  C5     C N N 150 
DT  C7     C N N 151 
DT  C6     C N N 152 
DT  HOP3   H N N 153 
DT  HOP2   H N N 154 
DT  "H5'"  H N N 155 
DT  "H5''" H N N 156 
DT  "H4'"  H N N 157 
DT  "H3'"  H N N 158 
DT  "HO3'" H N N 159 
DT  "H2'"  H N N 160 
DT  "H2''" H N N 161 
DT  "H1'"  H N N 162 
DT  H3     H N N 163 
DT  H71    H N N 164 
DT  H72    H N N 165 
DT  H73    H N N 166 
DT  H6     H N N 167 
# 
loop_
_chem_comp_bond.comp_id 
_chem_comp_bond.atom_id_1 
_chem_comp_bond.atom_id_2 
_chem_comp_bond.value_order 
_chem_comp_bond.pdbx_aromatic_flag 
_chem_comp_bond.pdbx_stereo_config 
_chem_comp_bond.pdbx_ordinal 
AAB P     O1P    sing N N 1   
AAB P     O2P    doub N N 2   
AAB P     O3P    sing N N 3   
AAB P     "O5'"  sing N N 4   
AAB O1P   H1P    sing N N 5   
AAB O3P   H3P    sing N N 6   
AAB "O5'" "C5'"  sing N N 7   
AAB "C5'" "C4'"  sing N N 8   
AAB "C5'" "H5'1" sing N N 9   
AAB "C5'" "H5'2" sing N N 10  
AAB "C4'" "O4'"  sing N N 11  
AAB "C4'" "C3'"  sing N N 12  
AAB "C4'" "H4'"  sing N N 13  
AAB "O4'" "C1'"  sing N N 14  
AAB "C1'" "O1'"  sing N N 15  
AAB "C1'" "C2'"  sing N N 16  
AAB "C1'" "H1'"  sing N N 17  
AAB "O1'" "HO1'" sing N N 18  
AAB "C2'" "C3'"  sing N N 19  
AAB "C2'" "H2'1" sing N N 20  
AAB "C2'" "H2'2" sing N N 21  
AAB "C3'" "O3'"  sing N N 22  
AAB "C3'" "H3'"  sing N N 23  
AAB "O3'" "HO3'" sing N N 24  
DA  OP3   P      sing N N 25  
DA  OP3   HOP3   sing N N 26  
DA  P     OP1    doub N N 27  
DA  P     OP2    sing N N 28  
DA  P     "O5'"  sing N N 29  
DA  OP2   HOP2   sing N N 30  
DA  "O5'" "C5'"  sing N N 31  
DA  "C5'" "C4'"  sing N N 32  
DA  "C5'" "H5'"  sing N N 33  
DA  "C5'" "H5''" sing N N 34  
DA  "C4'" "O4'"  sing N N 35  
DA  "C4'" "C3'"  sing N N 36  
DA  "C4'" "H4'"  sing N N 37  
DA  "O4'" "C1'"  sing N N 38  
DA  "C3'" "O3'"  sing N N 39  
DA  "C3'" "C2'"  sing N N 40  
DA  "C3'" "H3'"  sing N N 41  
DA  "O3'" "HO3'" sing N N 42  
DA  "C2'" "C1'"  sing N N 43  
DA  "C2'" "H2'"  sing N N 44  
DA  "C2'" "H2''" sing N N 45  
DA  "C1'" N9     sing N N 46  
DA  "C1'" "H1'"  sing N N 47  
DA  N9    C8     sing Y N 48  
DA  N9    C4     sing Y N 49  
DA  C8    N7     doub Y N 50  
DA  C8    H8     sing N N 51  
DA  N7    C5     sing Y N 52  
DA  C5    C6     sing Y N 53  
DA  C5    C4     doub Y N 54  
DA  C6    N6     sing N N 55  
DA  C6    N1     doub Y N 56  
DA  N6    H61    sing N N 57  
DA  N6    H62    sing N N 58  
DA  N1    C2     sing Y N 59  
DA  C2    N3     doub Y N 60  
DA  C2    H2     sing N N 61  
DA  N3    C4     sing Y N 62  
DC  OP3   P      sing N N 63  
DC  OP3   HOP3   sing N N 64  
DC  P     OP1    doub N N 65  
DC  P     OP2    sing N N 66  
DC  P     "O5'"  sing N N 67  
DC  OP2   HOP2   sing N N 68  
DC  "O5'" "C5'"  sing N N 69  
DC  "C5'" "C4'"  sing N N 70  
DC  "C5'" "H5'"  sing N N 71  
DC  "C5'" "H5''" sing N N 72  
DC  "C4'" "O4'"  sing N N 73  
DC  "C4'" "C3'"  sing N N 74  
DC  "C4'" "H4'"  sing N N 75  
DC  "O4'" "C1'"  sing N N 76  
DC  "C3'" "O3'"  sing N N 77  
DC  "C3'" "C2'"  sing N N 78  
DC  "C3'" "H3'"  sing N N 79  
DC  "O3'" "HO3'" sing N N 80  
DC  "C2'" "C1'"  sing N N 81  
DC  "C2'" "H2'"  sing N N 82  
DC  "C2'" "H2''" sing N N 83  
DC  "C1'" N1     sing N N 84  
DC  "C1'" "H1'"  sing N N 85  
DC  N1    C2     sing N N 86  
DC  N1    C6     sing N N 87  
DC  C2    O2     doub N N 88  
DC  C2    N3     sing N N 89  
DC  N3    C4     doub N N 90  
DC  C4    N4     sing N N 91  
DC  C4    C5     sing N N 92  
DC  N4    H41    sing N N 93  
DC  N4    H42    sing N N 94  
DC  C5    C6     doub N N 95  
DC  C5    H5     sing N N 96  
DC  C6    H6     sing N N 97  
DG  OP3   P      sing N N 98  
DG  OP3   HOP3   sing N N 99  
DG  P     OP1    doub N N 100 
DG  P     OP2    sing N N 101 
DG  P     "O5'"  sing N N 102 
DG  OP2   HOP2   sing N N 103 
DG  "O5'" "C5'"  sing N N 104 
DG  "C5'" "C4'"  sing N N 105 
DG  "C5'" "H5'"  sing N N 106 
DG  "C5'" "H5''" sing N N 107 
DG  "C4'" "O4'"  sing N N 108 
DG  "C4'" "C3'"  sing N N 109 
DG  "C4'" "H4'"  sing N N 110 
DG  "O4'" "C1'"  sing N N 111 
DG  "C3'" "O3'"  sing N N 112 
DG  "C3'" "C2'"  sing N N 113 
DG  "C3'" "H3'"  sing N N 114 
DG  "O3'" "HO3'" sing N N 115 
DG  "C2'" "C1'"  sing N N 116 
DG  "C2'" "H2'"  sing N N 117 
DG  "C2'" "H2''" sing N N 118 
DG  "C1'" N9     sing N N 119 
DG  "C1'" "H1'"  sing N N 120 
DG  N9    C8     sing Y N 121 
DG  N9    C4     sing Y N 122 
DG  C8    N7     doub Y N 123 
DG  C8    H8     sing N N 124 
DG  N7    C5     sing Y N 125 
DG  C5    C6     sing N N 126 
DG  C5    C4     doub Y N 127 
DG  C6    O6     doub N N 128 
DG  C6    N1     sing N N 129 
DG  N1    C2     sing N N 130 
DG  N1    H1     sing N N 131 
DG  C2    N2     sing N N 132 
DG  C2    N3     doub N N 133 
DG  N2    H21    sing N N 134 
DG  N2    H22    sing N N 135 
DG  N3    C4     sing N N 136 
DT  OP3   P      sing N N 137 
DT  OP3   HOP3   sing N N 138 
DT  P     OP1    doub N N 139 
DT  P     OP2    sing N N 140 
DT  P     "O5'"  sing N N 141 
DT  OP2   HOP2   sing N N 142 
DT  "O5'" "C5'"  sing N N 143 
DT  "C5'" "C4'"  sing N N 144 
DT  "C5'" "H5'"  sing N N 145 
DT  "C5'" "H5''" sing N N 146 
DT  "C4'" "O4'"  sing N N 147 
DT  "C4'" "C3'"  sing N N 148 
DT  "C4'" "H4'"  sing N N 149 
DT  "O4'" "C1'"  sing N N 150 
DT  "C3'" "O3'"  sing N N 151 
DT  "C3'" "C2'"  sing N N 152 
DT  "C3'" "H3'"  sing N N 153 
DT  "O3'" "HO3'" sing N N 154 
DT  "C2'" "C1'"  sing N N 155 
DT  "C2'" "H2'"  sing N N 156 
DT  "C2'" "H2''" sing N N 157 
DT  "C1'" N1     sing N N 158 
DT  "C1'" "H1'"  sing N N 159 
DT  N1    C2     sing N N 160 
DT  N1    C6     sing N N 161 
DT  C2    O2     doub N N 162 
DT  C2    N3     sing N N 163 
DT  N3    C4     sing N N 164 
DT  N3    H3     sing N N 165 
DT  C4    O4     doub N N 166 
DT  C4    C5     sing N N 167 
DT  C5    C7     sing N N 168 
DT  C5    C6     doub N N 169 
DT  C7    H71    sing N N 170 
DT  C7    H72    sing N N 171 
DT  C7    H73    sing N N 172 
DT  C6    H6     sing N N 173 
# 
loop_
_ndb_struct_conf_na.entry_id 
_ndb_struct_conf_na.feature 
1GJ0 'double helix'         
1GJ0 'b-form double helix'  
1GJ0 'mismatched base pair' 
# 
loop_
_ndb_struct_na_base_pair.model_number 
_ndb_struct_na_base_pair.i_label_asym_id 
_ndb_struct_na_base_pair.i_label_comp_id 
_ndb_struct_na_base_pair.i_label_seq_id 
_ndb_struct_na_base_pair.i_symmetry 
_ndb_struct_na_base_pair.j_label_asym_id 
_ndb_struct_na_base_pair.j_label_comp_id 
_ndb_struct_na_base_pair.j_label_seq_id 
_ndb_struct_na_base_pair.j_symmetry 
_ndb_struct_na_base_pair.shear 
_ndb_struct_na_base_pair.stretch 
_ndb_struct_na_base_pair.stagger 
_ndb_struct_na_base_pair.buckle 
_ndb_struct_na_base_pair.propeller 
_ndb_struct_na_base_pair.opening 
_ndb_struct_na_base_pair.pair_number 
_ndb_struct_na_base_pair.pair_name 
_ndb_struct_na_base_pair.i_auth_asym_id 
_ndb_struct_na_base_pair.i_auth_seq_id 
_ndb_struct_na_base_pair.i_PDB_ins_code 
_ndb_struct_na_base_pair.j_auth_asym_id 
_ndb_struct_na_base_pair.j_auth_seq_id 
_ndb_struct_na_base_pair.j_PDB_ins_code 
_ndb_struct_na_base_pair.hbond_type_28 
_ndb_struct_na_base_pair.hbond_type_12 
1 A DC 1  1_555 B DG 13 1_555 0.624  -0.110 -0.434 38.542  -28.248 -0.227  1  A_DC1:DG26_B  A 1  ? B 26 ? 19 1 
1 A DC 2  1_555 B DG 12 1_555 0.423  -0.173 -0.277 28.087  -23.620 -1.851  2  A_DC2:DG25_B  A 2  ? B 25 ? 19 1 
1 A DA 3  1_555 B DT 11 1_555 0.053  -0.170 -0.085 -17.364 -13.891 1.364   3  A_DA3:DT24_B  A 3  ? B 24 ? 20 1 
1 A DA 4  1_555 B DT 10 1_555 -0.069 -0.195 0.099  -16.265 -7.987  0.710   4  A_DA4:DT23_B  A 4  ? B 23 ? 20 1 
1 A DA 5  1_555 B DT 9  1_555 -0.037 -0.183 0.189  -13.970 0.848   -7.135  5  A_DA5:DT22_B  A 5  ? B 22 ? 20 1 
1 A DG 6  1_555 B DC 8  1_555 -0.766 -0.419 0.433  4.582   -7.884  -5.540  6  A_DG6:DC21_B  A 6  ? B 21 ? 19 1 
1 A DA 8  1_555 B DT 6  1_555 0.118  -0.180 0.642  15.212  -13.405 -12.776 7  A_DA8:DT19_B  A 8  ? B 19 ? 20 1 
1 A DC 9  1_555 B DG 5  1_555 0.387  -0.239 0.347  11.427  -9.862  -1.158  8  A_DC9:DG18_B  A 9  ? B 18 ? 19 1 
1 A DT 10 1_555 B DA 4  1_555 -0.073 -0.168 -0.011 12.116  -8.401  -1.371  9  A_DT10:DA17_B A 10 ? B 17 ? 20 1 
1 A DG 11 1_555 B DC 3  1_555 -0.148 -0.253 0.040  -17.032 -18.866 -2.798  10 A_DG11:DC16_B A 11 ? B 16 ? 19 1 
1 A DG 12 1_555 B DC 2  1_555 -0.555 -0.145 -0.088 -30.101 -24.057 -0.012  11 A_DG12:DC15_B A 12 ? B 15 ? 19 1 
1 A DG 13 1_555 B DC 1  1_555 -0.666 -0.258 0.240  -25.713 -13.889 -3.742  12 A_DG13:DC14_B A 13 ? B 14 ? 19 1 
# 
loop_
_ndb_struct_na_base_pair_step.model_number 
_ndb_struct_na_base_pair_step.i_label_asym_id_1 
_ndb_struct_na_base_pair_step.i_label_comp_id_1 
_ndb_struct_na_base_pair_step.i_label_seq_id_1 
_ndb_struct_na_base_pair_step.i_symmetry_1 
_ndb_struct_na_base_pair_step.j_label_asym_id_1 
_ndb_struct_na_base_pair_step.j_label_comp_id_1 
_ndb_struct_na_base_pair_step.j_label_seq_id_1 
_ndb_struct_na_base_pair_step.j_symmetry_1 
_ndb_struct_na_base_pair_step.i_label_asym_id_2 
_ndb_struct_na_base_pair_step.i_label_comp_id_2 
_ndb_struct_na_base_pair_step.i_label_seq_id_2 
_ndb_struct_na_base_pair_step.i_symmetry_2 
_ndb_struct_na_base_pair_step.j_label_asym_id_2 
_ndb_struct_na_base_pair_step.j_label_comp_id_2 
_ndb_struct_na_base_pair_step.j_label_seq_id_2 
_ndb_struct_na_base_pair_step.j_symmetry_2 
_ndb_struct_na_base_pair_step.shift 
_ndb_struct_na_base_pair_step.slide 
_ndb_struct_na_base_pair_step.rise 
_ndb_struct_na_base_pair_step.tilt 
_ndb_struct_na_base_pair_step.roll 
_ndb_struct_na_base_pair_step.twist 
_ndb_struct_na_base_pair_step.x_displacement 
_ndb_struct_na_base_pair_step.y_displacement 
_ndb_struct_na_base_pair_step.helical_rise 
_ndb_struct_na_base_pair_step.inclination 
_ndb_struct_na_base_pair_step.tip 
_ndb_struct_na_base_pair_step.helical_twist 
_ndb_struct_na_base_pair_step.step_number 
_ndb_struct_na_base_pair_step.step_name 
_ndb_struct_na_base_pair_step.i_auth_asym_id_1 
_ndb_struct_na_base_pair_step.i_auth_seq_id_1 
_ndb_struct_na_base_pair_step.i_PDB_ins_code_1 
_ndb_struct_na_base_pair_step.j_auth_asym_id_1 
_ndb_struct_na_base_pair_step.j_auth_seq_id_1 
_ndb_struct_na_base_pair_step.j_PDB_ins_code_1 
_ndb_struct_na_base_pair_step.i_auth_asym_id_2 
_ndb_struct_na_base_pair_step.i_auth_seq_id_2 
_ndb_struct_na_base_pair_step.i_PDB_ins_code_2 
_ndb_struct_na_base_pair_step.j_auth_asym_id_2 
_ndb_struct_na_base_pair_step.j_auth_seq_id_2 
_ndb_struct_na_base_pair_step.j_PDB_ins_code_2 
1 A DC 1  1_555 B DG 13 1_555 A DC 2  1_555 B DG 12 1_555 0.684  -0.335 3.622 0.266  2.244   38.668 -0.809 -0.996 3.602 3.386   
-0.402 38.731 1  AA_DC1DC2:DG25DG26_BB   A 1  ? B 26 ? A 2  ? B 25 ? 
1 A DC 2  1_555 B DG 12 1_555 A DA 3  1_555 B DT 11 1_555 0.358  -0.755 4.126 1.157  11.868  43.831 -2.282 -0.337 3.815 15.559  
-1.516 45.347 2  AA_DC2DA3:DT24DG25_BB   A 2  ? B 25 ? A 3  ? B 24 ? 
1 A DA 3  1_555 B DT 11 1_555 A DA 4  1_555 B DT 10 1_555 -0.262 -0.479 3.182 -1.699 -3.232  36.763 -0.329 0.189  3.219 -5.108  
2.686  36.937 3  AA_DA3DA4:DT23DT24_BB   A 3  ? B 24 ? A 4  ? B 23 ? 
1 A DA 4  1_555 B DT 10 1_555 A DA 5  1_555 B DT 9  1_555 -0.735 -0.575 3.154 -2.373 -0.852  33.168 -0.866 0.898  3.211 -1.490  
4.149  33.261 4  AA_DA4DA5:DT22DT23_BB   A 4  ? B 23 ? A 5  ? B 22 ? 
1 A DA 5  1_555 B DT 9  1_555 A DG 6  1_555 B DC 8  1_555 -0.233 -0.728 2.885 0.762  -7.898  31.600 -0.046 0.536  2.969 -14.223 
-1.372 32.557 5  AA_DA5DG6:DC21DT22_BB   A 5  ? B 22 ? A 6  ? B 21 ? 
1 A DG 6  1_555 B DC 8  1_555 A DA 8  1_555 B DT 6  1_555 0.044  0.343  6.132 -4.728 -10.814 84.371 0.721  -0.237 6.056 -8.018  
3.505  85.039 6  AA_DG6DA8:DT19DC21_BB   A 6  ? B 21 ? A 8  ? B 19 ? 
1 A DA 8  1_555 B DT 6  1_555 A DC 9  1_555 B DG 5  1_555 0.606  0.279  3.446 0.975  -6.156  37.847 1.233  -0.795 3.376 -9.412  
-1.491 38.338 7  AA_DA8DC9:DG18DT19_BB   A 8  ? B 19 ? A 9  ? B 18 ? 
1 A DC 9  1_555 B DG 5  1_555 A DT 10 1_555 B DA 4  1_555 0.358  -0.733 3.247 3.365  -3.604  37.194 -0.665 -0.112 3.320 -5.620  
-5.248 37.508 8  AA_DC9DT10:DA17DG18_BB  A 9  ? B 18 ? A 10 ? B 17 ? 
1 A DT 10 1_555 B DA 4  1_555 A DG 11 1_555 B DC 3  1_555 -0.240 -0.899 3.839 -3.321 5.109   41.615 -1.867 -0.065 3.716 7.144   
4.644  42.039 9  AA_DT10DG11:DC16DA17_BB A 10 ? B 17 ? A 11 ? B 16 ? 
1 A DG 11 1_555 B DC 3  1_555 A DG 12 1_555 B DC 2  1_555 -0.110 -0.877 3.418 2.334  4.699   38.619 -1.900 0.456  3.281 7.065   
-3.509 38.961 10 AA_DG11DG12:DC15DC16_BB A 11 ? B 16 ? A 12 ? B 15 ? 
1 A DG 12 1_555 B DC 2  1_555 A DG 13 1_555 B DC 1  1_555 -0.647 -0.348 3.142 -3.073 -1.528  39.731 -0.339 0.604  3.192 -2.243  
4.511  39.873 11 AA_DG12DG13:DC14DC15_BB A 12 ? B 15 ? A 13 ? B 14 ? 
# 
loop_
_pdbx_nmr_spectrometer.spectrometer_id 
_pdbx_nmr_spectrometer.model 
_pdbx_nmr_spectrometer.manufacturer 
_pdbx_nmr_spectrometer.field_strength 
_pdbx_nmr_spectrometer.type 
1 HOME-BUILT Home-built 750 ? 
2 HOME-BUILT Home-built 600 ? 
# 
_atom_sites.entry_id                    1GJ0 
_atom_sites.fract_transf_matrix[1][1]   1.000000 
_atom_sites.fract_transf_matrix[1][2]   0.000000 
_atom_sites.fract_transf_matrix[1][3]   0.000000 
_atom_sites.fract_transf_matrix[2][1]   0.000000 
_atom_sites.fract_transf_matrix[2][2]   1.000000 
_atom_sites.fract_transf_matrix[2][3]   0.000000 
_atom_sites.fract_transf_matrix[3][1]   0.000000 
_atom_sites.fract_transf_matrix[3][2]   0.000000 
_atom_sites.fract_transf_matrix[3][3]   1.000000 
_atom_sites.fract_transf_vector[1]      0.00000 
_atom_sites.fract_transf_vector[2]      0.00000 
_atom_sites.fract_transf_vector[3]      0.00000 
# 
loop_
_atom_type.symbol 
C 
H 
N 
O 
P 
# 
loop_
_atom_site.group_PDB 
_atom_site.id 
_atom_site.type_symbol 
_atom_site.label_atom_id 
_atom_site.label_alt_id 
_atom_site.label_comp_id 
_atom_site.label_asym_id 
_atom_site.label_entity_id 
_atom_site.label_seq_id 
_atom_site.pdbx_PDB_ins_code 
_atom_site.Cartn_x 
_atom_site.Cartn_y 
_atom_site.Cartn_z 
_atom_site.occupancy 
_atom_site.B_iso_or_equiv 
_atom_site.pdbx_formal_charge 
_atom_site.auth_seq_id 
_atom_site.auth_comp_id 
_atom_site.auth_asym_id 
_atom_site.auth_atom_id 
_atom_site.pdbx_PDB_model_num 
ATOM   1   O "O5'"  . DC  A 1 1  ? -3.426  -17.030 14.255  1.00 10.00 ? 1  DC  A "O5'"  1 
ATOM   2   C "C5'"  . DC  A 1 1  ? -4.102  -18.259 14.001  1.00 10.00 ? 1  DC  A "C5'"  1 
ATOM   3   C "C4'"  . DC  A 1 1  ? -5.049  -18.118 12.807  1.00 10.00 ? 1  DC  A "C4'"  1 
ATOM   4   O "O4'"  . DC  A 1 1  ? -5.909  -16.948 12.975  1.00 10.00 ? 1  DC  A "O4'"  1 
ATOM   5   C "C3'"  . DC  A 1 1  ? -4.273  -17.873 11.505  1.00 10.00 ? 1  DC  A "C3'"  1 
ATOM   6   O "O3'"  . DC  A 1 1  ? -4.530  -18.948 10.606  1.00 10.00 ? 1  DC  A "O3'"  1 
ATOM   7   C "C2'"  . DC  A 1 1  ? -4.803  -16.505 11.010  1.00 10.00 ? 1  DC  A "C2'"  1 
ATOM   8   C "C1'"  . DC  A 1 1  ? -6.164  -16.430 11.689  1.00 10.00 ? 1  DC  A "C1'"  1 
ATOM   9   N N1     . DC  A 1 1  ? -6.757  -15.072 11.847  1.00 10.00 ? 1  DC  A N1     1 
ATOM   10  C C2     . DC  A 1 1  ? -8.174  -14.955 11.723  1.00 10.00 ? 1  DC  A C2     1 
ATOM   11  O O2     . DC  A 1 1  ? -8.889  -15.911 11.385  1.00 10.00 ? 1  DC  A O2     1 
ATOM   12  N N3     . DC  A 1 1  ? -8.761  -13.744 11.979  1.00 10.00 ? 1  DC  A N3     1 
ATOM   13  C C4     . DC  A 1 1  ? -8.033  -12.673 12.336  1.00 10.00 ? 1  DC  A C4     1 
ATOM   14  N N4     . DC  A 1 1  ? -8.655  -11.487 12.535  1.00 10.00 ? 1  DC  A N4     1 
ATOM   15  C C5     . DC  A 1 1  ? -6.607  -12.780 12.497  1.00 10.00 ? 1  DC  A C5     1 
ATOM   16  C C6     . DC  A 1 1  ? -6.027  -13.967 12.257  1.00 10.00 ? 1  DC  A C6     1 
ATOM   17  H "H5'"  . DC  A 1 1  ? -4.687  -18.538 14.906  1.00 10.00 ? 1  DC  A "H5'"  1 
ATOM   18  H "H5''" . DC  A 1 1  ? -3.358  -19.062 13.803  1.00 10.00 ? 1  DC  A "H5''" 1 
ATOM   19  H "H4'"  . DC  A 1 1  ? -5.705  -19.010 12.721  1.00 10.00 ? 1  DC  A "H4'"  1 
ATOM   20  H "H3'"  . DC  A 1 1  ? -3.183  -17.795 11.720  1.00 10.00 ? 1  DC  A "H3'"  1 
ATOM   21  H "H2'"  . DC  A 1 1  ? -4.118  -15.712 11.371  1.00 10.00 ? 1  DC  A "H2'"  1 
ATOM   22  H "H2''" . DC  A 1 1  ? -4.895  -16.428 9.912   1.00 10.00 ? 1  DC  A "H2''" 1 
ATOM   23  H "H1'"  . DC  A 1 1  ? -6.855  -17.143 11.178  1.00 10.00 ? 1  DC  A "H1'"  1 
ATOM   24  H H41    . DC  A 1 1  ? -9.647  -11.451 12.355  1.00 10.00 ? 1  DC  A H41    1 
ATOM   25  H H42    . DC  A 1 1  ? -8.158  -10.631 12.675  1.00 10.00 ? 1  DC  A H42    1 
ATOM   26  H H5     . DC  A 1 1  ? -6.038  -11.912 12.820  1.00 10.00 ? 1  DC  A H5     1 
ATOM   27  H H6     . DC  A 1 1  ? -4.960  -14.120 12.410  1.00 10.00 ? 1  DC  A H6     1 
ATOM   28  H "HO5'" . DC  A 1 1  ? -4.058  -16.370 13.939  1.00 10.00 ? 1  DC  A "HO5'" 1 
ATOM   29  P P      . DC  A 1 2  ? -3.785  -18.981 9.208   1.00 10.00 ? 2  DC  A P      1 
ATOM   30  O OP1    . DC  A 1 2  ? -3.628  -20.388 8.791   1.00 10.00 ? 2  DC  A OP1    1 
ATOM   31  O OP2    . DC  A 1 2  ? -2.572  -18.133 9.280   1.00 10.00 ? 2  DC  A OP2    1 
ATOM   32  O "O5'"  . DC  A 1 2  ? -4.822  -18.286 8.254   1.00 10.00 ? 2  DC  A "O5'"  1 
ATOM   33  C "C5'"  . DC  A 1 2  ? -6.040  -18.957 7.934   1.00 10.00 ? 2  DC  A "C5'"  1 
ATOM   34  C "C4'"  . DC  A 1 2  ? -6.929  -18.121 6.997   1.00 10.00 ? 2  DC  A "C4'"  1 
ATOM   35  O "O4'"  . DC  A 1 2  ? -7.322  -16.870 7.660   1.00 10.00 ? 2  DC  A "O4'"  1 
ATOM   36  C "C3'"  . DC  A 1 2  ? -6.205  -17.715 5.705   1.00 10.00 ? 2  DC  A "C3'"  1 
ATOM   37  O "O3'"  . DC  A 1 2  ? -7.114  -17.779 4.610   1.00 10.00 ? 2  DC  A "O3'"  1 
ATOM   38  C "C2'"  . DC  A 1 2  ? -5.756  -16.282 6.034   1.00 10.00 ? 2  DC  A "C2'"  1 
ATOM   39  C "C1'"  . DC  A 1 2  ? -6.955  -15.775 6.835   1.00 10.00 ? 2  DC  A "C1'"  1 
ATOM   40  N N1     . DC  A 1 2  ? -6.740  -14.578 7.707   1.00 10.00 ? 2  DC  A N1     1 
ATOM   41  C C2     . DC  A 1 2  ? -7.870  -13.752 7.956   1.00 10.00 ? 2  DC  A C2     1 
ATOM   42  O O2     . DC  A 1 2  ? -8.987  -14.014 7.488   1.00 10.00 ? 2  DC  A O2     1 
ATOM   43  N N3     . DC  A 1 2  ? -7.711  -12.605 8.693   1.00 10.00 ? 2  DC  A N3     1 
ATOM   44  C C4     . DC  A 1 2  ? -6.504  -12.221 9.131   1.00 10.00 ? 2  DC  A C4     1 
ATOM   45  N N4     . DC  A 1 2  ? -6.385  -11.030 9.767   1.00 10.00 ? 2  DC  A N4     1 
ATOM   46  C C5     . DC  A 1 2  ? -5.350  -13.055 8.914   1.00 10.00 ? 2  DC  A C5     1 
ATOM   47  C C6     . DC  A 1 2  ? -5.510  -14.199 8.226   1.00 10.00 ? 2  DC  A C6     1 
ATOM   48  H "H5'"  . DC  A 1 2  ? -6.621  -19.169 8.862   1.00 10.00 ? 2  DC  A "H5'"  1 
ATOM   49  H "H5''" . DC  A 1 2  ? -5.821  -19.928 7.432   1.00 10.00 ? 2  DC  A "H5''" 1 
ATOM   50  H "H4'"  . DC  A 1 2  ? -7.856  -18.687 6.768   1.00 10.00 ? 2  DC  A "H4'"  1 
ATOM   51  H "H3'"  . DC  A 1 2  ? -5.327  -18.377 5.526   1.00 10.00 ? 2  DC  A "H3'"  1 
ATOM   52  H "H2'"  . DC  A 1 2  ? -4.844  -16.339 6.664   1.00 10.00 ? 2  DC  A "H2'"  1 
ATOM   53  H "H2''" . DC  A 1 2  ? -5.538  -15.675 5.140   1.00 10.00 ? 2  DC  A "H2''" 1 
ATOM   54  H "H1'"  . DC  A 1 2  ? -7.803  -15.620 6.125   1.00 10.00 ? 2  DC  A "H1'"  1 
ATOM   55  H H41    . DC  A 1 2  ? -7.210  -10.446 9.811   1.00 10.00 ? 2  DC  A H41    1 
ATOM   56  H H42    . DC  A 1 2  ? -5.498  -10.642 10.007  1.00 10.00 ? 2  DC  A H42    1 
ATOM   57  H H5     . DC  A 1 2  ? -4.383  -12.748 9.308   1.00 10.00 ? 2  DC  A H5     1 
ATOM   58  H H6     . DC  A 1 2  ? -4.674  -14.879 8.065   1.00 10.00 ? 2  DC  A H6     1 
ATOM   59  P P      . DA  A 1 3  ? -6.685  -17.404 3.135   1.00 10.00 ? 3  DA  A P      1 
ATOM   60  O OP1    . DA  A 1 3  ? -7.273  -18.393 2.207   1.00 10.00 ? 3  DA  A OP1    1 
ATOM   61  O OP2    . DA  A 1 3  ? -5.223  -17.170 3.056   1.00 10.00 ? 3  DA  A OP2    1 
ATOM   62  O "O5'"  . DA  A 1 3  ? -7.430  -16.001 2.937   1.00 10.00 ? 3  DA  A "O5'"  1 
ATOM   63  C "C5'"  . DA  A 1 3  ? -8.841  -16.067 2.662   1.00 10.00 ? 3  DA  A "C5'"  1 
ATOM   64  C "C4'"  . DA  A 1 3  ? -9.519  -14.708 2.360   1.00 10.00 ? 3  DA  A "C4'"  1 
ATOM   65  O "O4'"  . DA  A 1 3  ? -9.454  -13.809 3.520   1.00 10.00 ? 3  DA  A "O4'"  1 
ATOM   66  C "C3'"  . DA  A 1 3  ? -8.913  -13.943 1.176   1.00 10.00 ? 3  DA  A "C3'"  1 
ATOM   67  O "O3'"  . DA  A 1 3  ? -9.961  -13.470 0.332   1.00 10.00 ? 3  DA  A "O3'"  1 
ATOM   68  C "C2'"  . DA  A 1 3  ? -8.094  -12.864 1.885   1.00 10.00 ? 3  DA  A "C2'"  1 
ATOM   69  C "C1'"  . DA  A 1 3  ? -8.910  -12.555 3.126   1.00 10.00 ? 3  DA  A "C1'"  1 
ATOM   70  N N9     . DA  A 1 3  ? -8.029  -12.097 4.212   1.00 10.00 ? 3  DA  A N9     1 
ATOM   71  C C8     . DA  A 1 3  ? -6.927  -12.750 4.660   1.00 10.00 ? 3  DA  A C8     1 
ATOM   72  N N7     . DA  A 1 3  ? -6.184  -12.081 5.515   1.00 10.00 ? 3  DA  A N7     1 
ATOM   73  C C5     . DA  A 1 3  ? -6.849  -10.875 5.614   1.00 10.00 ? 3  DA  A C5     1 
ATOM   74  C C6     . DA  A 1 3  ? -6.539  -9.725  6.359   1.00 10.00 ? 3  DA  A C6     1 
ATOM   75  N N6     . DA  A 1 3  ? -5.429  -9.669  7.139   1.00 10.00 ? 3  DA  A N6     1 
ATOM   76  N N1     . DA  A 1 3  ? -7.412  -8.691  6.247   1.00 10.00 ? 3  DA  A N1     1 
ATOM   77  C C2     . DA  A 1 3  ? -8.484  -8.786  5.444   1.00 10.00 ? 3  DA  A C2     1 
ATOM   78  N N3     . DA  A 1 3  ? -8.852  -9.817  4.691   1.00 10.00 ? 3  DA  A N3     1 
ATOM   79  C C4     . DA  A 1 3  ? -7.991  -10.848 4.827   1.00 10.00 ? 3  DA  A C4     1 
ATOM   80  H "H5'"  . DA  A 1 3  ? -9.374  -16.516 3.534   1.00 10.00 ? 3  DA  A "H5'"  1 
ATOM   81  H "H5''" . DA  A 1 3  ? -9.029  -16.720 1.776   1.00 10.00 ? 3  DA  A "H5''" 1 
ATOM   82  H "H4'"  . DA  A 1 3  ? -10.600 -14.898 2.174   1.00 10.00 ? 3  DA  A "H4'"  1 
ATOM   83  H "H3'"  . DA  A 1 3  ? -8.205  -14.548 0.579   1.00 10.00 ? 3  DA  A "H3'"  1 
ATOM   84  H "H2'"  . DA  A 1 3  ? -7.111  -13.312 2.147   1.00 10.00 ? 3  DA  A "H2'"  1 
ATOM   85  H "H2''" . DA  A 1 3  ? -7.885  -11.971 1.288   1.00 10.00 ? 3  DA  A "H2''" 1 
ATOM   86  H "H1'"  . DA  A 1 3  ? -9.746  -11.853 2.906   1.00 10.00 ? 3  DA  A "H1'"  1 
ATOM   87  H H8     . DA  A 1 3  ? -6.729  -13.714 4.188   1.00 10.00 ? 3  DA  A H8     1 
ATOM   88  H H61    . DA  A 1 3  ? -5.301  -8.842  7.700   1.00 10.00 ? 3  DA  A H61    1 
ATOM   89  H H62    . DA  A 1 3  ? -4.825  -10.463 7.189   1.00 10.00 ? 3  DA  A H62    1 
ATOM   90  H H2     . DA  A 1 3  ? -9.141  -7.911  5.396   1.00 10.00 ? 3  DA  A H2     1 
ATOM   91  P P      . DA  A 1 4  ? -9.692  -12.450 -0.842  1.00 10.00 ? 4  DA  A P      1 
ATOM   92  O OP1    . DA  A 1 4  ? -10.714 -12.611 -1.901  1.00 10.00 ? 4  DA  A OP1    1 
ATOM   93  O OP2    . DA  A 1 4  ? -8.267  -12.499 -1.247  1.00 10.00 ? 4  DA  A OP2    1 
ATOM   94  O "O5'"  . DA  A 1 4  ? -9.918  -11.092 -0.081  1.00 10.00 ? 4  DA  A "O5'"  1 
ATOM   95  C "C5'"  . DA  A 1 4  ? -11.220 -10.646 0.288   1.00 10.00 ? 4  DA  A "C5'"  1 
ATOM   96  C "C4'"  . DA  A 1 4  ? -11.271 -9.117  0.467   1.00 10.00 ? 4  DA  A "C4'"  1 
ATOM   97  O "O4'"  . DA  A 1 4  ? -10.461 -8.707  1.627   1.00 10.00 ? 4  DA  A "O4'"  1 
ATOM   98  C "C3'"  . DA  A 1 4  ? -10.709 -8.382  -0.759  1.00 10.00 ? 4  DA  A "C3'"  1 
ATOM   99  O "O3'"  . DA  A 1 4  ? -11.531 -7.272  -1.066  1.00 10.00 ? 4  DA  A "O3'"  1 
ATOM   100 C "C2'"  . DA  A 1 4  ? -9.298  -8.012  -0.282  1.00 10.00 ? 4  DA  A "C2'"  1 
ATOM   101 C "C1'"  . DA  A 1 4  ? -9.457  -7.783  1.223   1.00 10.00 ? 4  DA  A "C1'"  1 
ATOM   102 N N9     . DA  A 1 4  ? -8.204  -8.094  1.965   1.00 10.00 ? 4  DA  A N9     1 
ATOM   103 C C8     . DA  A 1 4  ? -7.427  -9.210  1.799   1.00 10.00 ? 4  DA  A C8     1 
ATOM   104 N N7     . DA  A 1 4  ? -6.300  -9.212  2.483   1.00 10.00 ? 4  DA  A N7     1 
ATOM   105 C C5     . DA  A 1 4  ? -6.340  -8.007  3.163   1.00 10.00 ? 4  DA  A C5     1 
ATOM   106 C C6     . DA  A 1 4  ? -5.419  -7.439  4.069   1.00 10.00 ? 4  DA  A C6     1 
ATOM   107 N N6     . DA  A 1 4  ? -4.338  -8.134  4.497   1.00 10.00 ? 4  DA  A N6     1 
ATOM   108 N N1     . DA  A 1 4  ? -5.703  -6.197  4.535   1.00 10.00 ? 4  DA  A N1     1 
ATOM   109 C C2     . DA  A 1 4  ? -6.859  -5.605  4.192   1.00 10.00 ? 4  DA  A C2     1 
ATOM   110 N N3     . DA  A 1 4  ? -7.820  -6.070  3.391   1.00 10.00 ? 4  DA  A N3     1 
ATOM   111 C C4     . DA  A 1 4  ? -7.490  -7.288  2.879   1.00 10.00 ? 4  DA  A C4     1 
ATOM   112 H "H5'"  . DA  A 1 4  ? -11.519 -11.125 1.247   1.00 10.00 ? 4  DA  A "H5'"  1 
ATOM   113 H "H5''" . DA  A 1 4  ? -11.974 -10.925 -0.486  1.00 10.00 ? 4  DA  A "H5''" 1 
ATOM   114 H "H4'"  . DA  A 1 4  ? -12.319 -8.807  0.667   1.00 10.00 ? 4  DA  A "H4'"  1 
ATOM   115 H "H3'"  . DA  A 1 4  ? -10.659 -9.070  -1.635  1.00 10.00 ? 4  DA  A "H3'"  1 
ATOM   116 H "H2'"  . DA  A 1 4  ? -8.638  -8.884  -0.482  1.00 10.00 ? 4  DA  A "H2'"  1 
ATOM   117 H "H2''" . DA  A 1 4  ? -8.858  -7.148  -0.792  1.00 10.00 ? 4  DA  A "H2''" 1 
ATOM   118 H "H1'"  . DA  A 1 4  ? -9.845  -6.761  1.435   1.00 10.00 ? 4  DA  A "H1'"  1 
ATOM   119 H H8     . DA  A 1 4  ? -7.800  -9.997  1.124   1.00 10.00 ? 4  DA  A H8     1 
ATOM   120 H H61    . DA  A 1 4  ? -3.790  -7.712  5.231   1.00 10.00 ? 4  DA  A H61    1 
ATOM   121 H H62    . DA  A 1 4  ? -4.245  -9.098  4.246   1.00 10.00 ? 4  DA  A H62    1 
ATOM   122 H H2     . DA  A 1 4  ? -7.048  -4.617  4.625   1.00 10.00 ? 4  DA  A H2     1 
ATOM   123 P P      . DA  A 1 5  ? -11.321 -6.264  -2.255  1.00 10.00 ? 5  DA  A P      1 
ATOM   124 O OP1    . DA  A 1 5  ? -12.654 -5.780  -2.677  1.00 10.00 ? 5  DA  A OP1    1 
ATOM   125 O OP2    . DA  A 1 5  ? -10.464 -6.863  -3.306  1.00 10.00 ? 5  DA  A OP2    1 
ATOM   126 O "O5'"  . DA  A 1 5  ? -10.552 -5.080  -1.491  1.00 10.00 ? 5  DA  A "O5'"  1 
ATOM   127 C "C5'"  . DA  A 1 5  ? -11.409 -4.327  -0.599  1.00 10.00 ? 5  DA  A "C5'"  1 
ATOM   128 C "C4'"  . DA  A 1 5  ? -10.725 -3.180  0.177   1.00 10.00 ? 5  DA  A "C4'"  1 
ATOM   129 O "O4'"  . DA  A 1 5  ? -9.648  -3.714  1.011   1.00 10.00 ? 5  DA  A "O4'"  1 
ATOM   130 C "C3'"  . DA  A 1 5  ? -10.091 -2.100  -0.710  1.00 10.00 ? 5  DA  A "C3'"  1 
ATOM   131 O "O3'"  . DA  A 1 5  ? -10.377 -0.799  -0.190  1.00 10.00 ? 5  DA  A "O3'"  1 
ATOM   132 C "C2'"  . DA  A 1 5  ? -8.599  -2.447  -0.610  1.00 10.00 ? 5  DA  A "C2'"  1 
ATOM   133 C "C1'"  . DA  A 1 5  ? -8.479  -2.929  0.824   1.00 10.00 ? 5  DA  A "C1'"  1 
ATOM   134 N N9     . DA  A 1 5  ? -7.296  -3.794  1.021   1.00 10.00 ? 5  DA  A N9     1 
ATOM   135 C C8     . DA  A 1 5  ? -7.084  -5.020  0.468   1.00 10.00 ? 5  DA  A C8     1 
ATOM   136 N N7     . DA  A 1 5  ? -5.930  -5.575  0.767   1.00 10.00 ? 5  DA  A N7     1 
ATOM   137 C C5     . DA  A 1 5  ? -5.353  -4.648  1.620   1.00 10.00 ? 5  DA  A C5     1 
ATOM   138 C C6     . DA  A 1 5  ? -4.133  -4.694  2.323   1.00 10.00 ? 5  DA  A C6     1 
ATOM   139 N N6     . DA  A 1 5  ? -3.334  -5.772  2.165   1.00 10.00 ? 5  DA  A N6     1 
ATOM   140 N N1     . DA  A 1 5  ? -3.854  -3.651  3.156   1.00 10.00 ? 5  DA  A N1     1 
ATOM   141 C C2     . DA  A 1 5  ? -4.729  -2.635  3.237   1.00 10.00 ? 5  DA  A C2     1 
ATOM   142 N N3     . DA  A 1 5  ? -5.886  -2.475  2.584   1.00 10.00 ? 5  DA  A N3     1 
ATOM   143 C C4     . DA  A 1 5  ? -6.149  -3.535  1.789   1.00 10.00 ? 5  DA  A C4     1 
ATOM   144 H "H5'"  . DA  A 1 5  ? -11.866 -5.004  0.164   1.00 10.00 ? 5  DA  A "H5'"  1 
ATOM   145 H "H5''" . DA  A 1 5  ? -12.244 -3.862  -1.175  1.00 10.00 ? 5  DA  A "H5''" 1 
ATOM   146 H "H4'"  . DA  A 1 5  ? -11.476 -2.721  0.858   1.00 10.00 ? 5  DA  A "H4'"  1 
ATOM   147 H "H3'"  . DA  A 1 5  ? -10.465 -2.202  -1.754  1.00 10.00 ? 5  DA  A "H3'"  1 
ATOM   148 H "H2'"  . DA  A 1 5  ? -8.376  -3.268  -1.326  1.00 10.00 ? 5  DA  A "H2'"  1 
ATOM   149 H "H2''" . DA  A 1 5  ? -7.927  -1.595  -0.815  1.00 10.00 ? 5  DA  A "H2''" 1 
ATOM   150 H "H1'"  . DA  A 1 5  ? -8.518  -2.080  1.544   1.00 10.00 ? 5  DA  A "H1'"  1 
ATOM   151 H H8     . DA  A 1 5  ? -7.900  -5.458  -0.108  1.00 10.00 ? 5  DA  A H8     1 
ATOM   152 H H61    . DA  A 1 5  ? -2.542  -5.868  2.788   1.00 10.00 ? 5  DA  A H61    1 
ATOM   153 H H62    . DA  A 1 5  ? -3.699  -6.537  1.635   1.00 10.00 ? 5  DA  A H62    1 
ATOM   154 H H2     . DA  A 1 5  ? -4.467  -1.833  3.934   1.00 10.00 ? 5  DA  A H2     1 
ATOM   155 P P      . DG  A 1 6  ? -9.852  0.493   -0.947  1.00 10.00 ? 6  DG  A P      1 
ATOM   156 O OP1    . DG  A 1 6  ? -10.886 1.547   -0.928  1.00 10.00 ? 6  DG  A OP1    1 
ATOM   157 O OP2    . DG  A 1 6  ? -9.316  0.112   -2.276  1.00 10.00 ? 6  DG  A OP2    1 
ATOM   158 O "O5'"  . DG  A 1 6  ? -8.637  0.948   -0.034  1.00 10.00 ? 6  DG  A "O5'"  1 
ATOM   159 C "C5'"  . DG  A 1 6  ? -8.934  1.519   1.251   1.00 10.00 ? 6  DG  A "C5'"  1 
ATOM   160 C "C4'"  . DG  A 1 6  ? -7.694  2.058   2.002   1.00 10.00 ? 6  DG  A "C4'"  1 
ATOM   161 O "O4'"  . DG  A 1 6  ? -6.688  0.997   2.100   1.00 10.00 ? 6  DG  A "O4'"  1 
ATOM   162 C "C3'"  . DG  A 1 6  ? -7.001  3.240   1.305   1.00 10.00 ? 6  DG  A "C3'"  1 
ATOM   163 O "O3'"  . DG  A 1 6  ? -6.502  4.158   2.285   1.00 10.00 ? 6  DG  A "O3'"  1 
ATOM   164 C "C2'"  . DG  A 1 6  ? -5.874  2.513   0.553   1.00 10.00 ? 6  DG  A "C2'"  1 
ATOM   165 C "C1'"  . DG  A 1 6  ? -5.460  1.490   1.601   1.00 10.00 ? 6  DG  A "C1'"  1 
ATOM   166 N N9     . DG  A 1 6  ? -4.670  0.354   1.077   1.00 10.00 ? 6  DG  A N9     1 
ATOM   167 C C8     . DG  A 1 6  ? -4.917  -0.413  -0.015  1.00 10.00 ? 6  DG  A C8     1 
ATOM   168 N N7     . DG  A 1 6  ? -4.039  -1.374  -0.221  1.00 10.00 ? 6  DG  A N7     1 
ATOM   169 C C5     . DG  A 1 6  ? -3.157  -1.251  0.829   1.00 10.00 ? 6  DG  A C5     1 
ATOM   170 C C6     . DG  A 1 6  ? -2.032  -2.036  1.153   1.00 10.00 ? 6  DG  A C6     1 
ATOM   171 O O6     . DG  A 1 6  ? -1.648  -3.037  0.532   1.00 10.00 ? 6  DG  A O6     1 
ATOM   172 N N1     . DG  A 1 6  ? -1.403  -1.588  2.324   1.00 10.00 ? 6  DG  A N1     1 
ATOM   173 C C2     . DG  A 1 6  ? -1.791  -0.500  3.095   1.00 10.00 ? 6  DG  A C2     1 
ATOM   174 N N2     . DG  A 1 6  ? -0.992  -0.258  4.138   1.00 10.00 ? 6  DG  A N2     1 
ATOM   175 N N3     . DG  A 1 6  ? -2.881  0.228   2.781   1.00 10.00 ? 6  DG  A N3     1 
ATOM   176 C C4     . DG  A 1 6  ? -3.514  -0.180  1.655   1.00 10.00 ? 6  DG  A C4     1 
ATOM   177 H "H5'"  . DG  A 1 6  ? -9.393  0.738   1.898   1.00 10.00 ? 6  DG  A "H5'"  1 
ATOM   178 H "H5''" . DG  A 1 6  ? -9.665  2.354   1.155   1.00 10.00 ? 6  DG  A "H5''" 1 
ATOM   179 H "H4'"  . DG  A 1 6  ? -7.987  2.350   3.035   1.00 10.00 ? 6  DG  A "H4'"  1 
ATOM   180 H "H3'"  . DG  A 1 6  ? -7.703  3.738   0.599   1.00 10.00 ? 6  DG  A "H3'"  1 
ATOM   181 H "H2'"  . DG  A 1 6  ? -6.309  2.019   -0.339  1.00 10.00 ? 6  DG  A "H2'"  1 
ATOM   182 H "H2''" . DG  A 1 6  ? -5.038  3.160   0.240   1.00 10.00 ? 6  DG  A "H2''" 1 
ATOM   183 H "H1'"  . DG  A 1 6  ? -4.942  1.990   2.448   1.00 10.00 ? 6  DG  A "H1'"  1 
ATOM   184 H H8     . DG  A 1 6  ? -5.803  -0.175  -0.604  1.00 10.00 ? 6  DG  A H8     1 
ATOM   185 H H1     . DG  A 1 6  ? -0.631  -2.171  2.640   1.00 10.00 ? 6  DG  A H1     1 
ATOM   186 H H21    . DG  A 1 6  ? -0.169  -0.817  4.295   1.00 10.00 ? 6  DG  A H21    1 
ATOM   187 H H22    . DG  A 1 6  ? -1.274  0.477   4.766   1.00 10.00 ? 6  DG  A H22    1 
HETATM 188 P P      . AAB A 1 7  ? -5.982  5.593   1.856   1.00 10.00 ? 7  AAB A P      1 
HETATM 189 O O2P    . AAB A 1 7  ? -5.980  6.499   3.024   1.00 10.00 ? 7  AAB A O2P    1 
HETATM 190 O O3P    . AAB A 1 7  ? -6.782  6.058   0.697   1.00 10.00 ? 7  AAB A O3P    1 
HETATM 191 O "O5'"  . AAB A 1 7  ? -4.505  5.310   1.391   1.00 10.00 ? 7  AAB A "O5'"  1 
HETATM 192 C "C5'"  . AAB A 1 7  ? -3.307  5.474   2.152   1.00 10.00 ? 7  AAB A "C5'"  1 
HETATM 193 C "C4'"  . AAB A 1 7  ? -3.340  5.048   3.641   1.00 10.00 ? 7  AAB A "C4'"  1 
HETATM 194 O "O4'"  . AAB A 1 7  ? -3.513  3.602   3.776   1.00 10.00 ? 7  AAB A "O4'"  1 
HETATM 195 C "C1'"  . AAB A 1 7  ? -3.019  3.278   5.045   1.00 10.00 ? 7  AAB A "C1'"  1 
HETATM 196 O "O1'"  . AAB A 1 7  ? -2.870  1.879   5.106   1.00 10.00 ? 7  AAB A "O1'"  1 
HETATM 197 C "C2'"  . AAB A 1 7  ? -1.695  3.993   5.075   1.00 10.00 ? 7  AAB A "C2'"  1 
HETATM 198 C "C3'"  . AAB A 1 7  ? -1.982  5.305   4.318   1.00 10.00 ? 7  AAB A "C3'"  1 
HETATM 199 O "O3'"  . AAB A 1 7  ? -2.044  6.387   5.256   1.00 10.00 ? 7  AAB A "O3'"  1 
HETATM 200 H "H5'1" . AAB A 1 7  ? -2.977  6.537   2.083   1.00 10.00 ? 7  AAB A "H5'1" 1 
HETATM 201 H "H5'2" . AAB A 1 7  ? -2.508  4.872   1.659   1.00 10.00 ? 7  AAB A "H5'2" 1 
HETATM 202 H "H4'"  . AAB A 1 7  ? -4.148  5.565   4.201   1.00 10.00 ? 7  AAB A "H4'"  1 
HETATM 203 H "H1'"  . AAB A 1 7  ? -3.735  3.681   5.800   1.00 10.00 ? 7  AAB A "H1'"  1 
HETATM 204 H "HO1'" . AAB A 1 7  ? -3.190  1.590   4.234   1.00 10.00 ? 7  AAB A "HO1'" 1 
HETATM 205 H "H2'1" . AAB A 1 7  ? -0.938  3.371   4.553   1.00 10.00 ? 7  AAB A "H2'1" 1 
HETATM 206 H "H2'2" . AAB A 1 7  ? -1.377  4.176   6.119   1.00 10.00 ? 7  AAB A "H2'2" 1 
HETATM 207 H "H3'"  . AAB A 1 7  ? -1.224  5.461   3.512   1.00 10.00 ? 7  AAB A "H3'"  1 
ATOM   208 P P      . DA  A 1 8  ? -0.978  7.554   5.192   1.00 10.00 ? 8  DA  A P      1 
ATOM   209 O OP1    . DA  A 1 8  ? -0.926  8.244   6.505   1.00 10.00 ? 8  DA  A OP1    1 
ATOM   210 O OP2    . DA  A 1 8  ? -1.253  8.378   3.994   1.00 10.00 ? 8  DA  A OP2    1 
ATOM   211 O "O5'"  . DA  A 1 8  ? 0.398   6.788   4.963   1.00 10.00 ? 8  DA  A "O5'"  1 
ATOM   212 C "C5'"  . DA  A 1 8  ? 0.980   6.042   6.039   1.00 10.00 ? 8  DA  A "C5'"  1 
ATOM   213 C "C4'"  . DA  A 1 8  ? 2.188   5.185   5.606   1.00 10.00 ? 8  DA  A "C4'"  1 
ATOM   214 O "O4'"  . DA  A 1 8  ? 1.941   4.469   4.349   1.00 10.00 ? 8  DA  A "O4'"  1 
ATOM   215 C "C3'"  . DA  A 1 8  ? 3.419   6.060   5.357   1.00 10.00 ? 8  DA  A "C3'"  1 
ATOM   216 O "O3'"  . DA  A 1 8  ? 4.528   5.375   5.912   1.00 10.00 ? 8  DA  A "O3'"  1 
ATOM   217 C "C2'"  . DA  A 1 8  ? 3.431   6.172   3.839   1.00 10.00 ? 8  DA  A "C2'"  1 
ATOM   218 C "C1'"  . DA  A 1 8  ? 2.997   4.764   3.448   1.00 10.00 ? 8  DA  A "C1'"  1 
ATOM   219 N N9     . DA  A 1 8  ? 2.445   4.644   2.086   1.00 10.00 ? 8  DA  A N9     1 
ATOM   220 C C8     . DA  A 1 8  ? 1.483   5.422   1.514   1.00 10.00 ? 8  DA  A C8     1 
ATOM   221 N N7     . DA  A 1 8  ? 1.030   4.972   0.366   1.00 10.00 ? 8  DA  A N7     1 
ATOM   222 C C5     . DA  A 1 8  ? 1.757   3.810   0.164   1.00 10.00 ? 8  DA  A C5     1 
ATOM   223 C C6     . DA  A 1 8  ? 1.717   2.872   -0.890  1.00 10.00 ? 8  DA  A C6     1 
ATOM   224 N N6     . DA  A 1 8  ? 0.764   2.996   -1.840  1.00 10.00 ? 8  DA  A N6     1 
ATOM   225 N N1     . DA  A 1 8  ? 2.634   1.862   -0.848  1.00 10.00 ? 8  DA  A N1     1 
ATOM   226 C C2     . DA  A 1 8  ? 3.465   1.774   0.199   1.00 10.00 ? 8  DA  A C2     1 
ATOM   227 N N3     . DA  A 1 8  ? 3.510   2.549   1.291   1.00 10.00 ? 8  DA  A N3     1 
ATOM   228 C C4     . DA  A 1 8  ? 2.640   3.578   1.196   1.00 10.00 ? 8  DA  A C4     1 
ATOM   229 H "H5'"  . DA  A 1 8  ? 0.235   5.360   6.503   1.00 10.00 ? 8  DA  A "H5'"  1 
ATOM   230 H "H5''" . DA  A 1 8  ? 1.310   6.733   6.846   1.00 10.00 ? 8  DA  A "H5''" 1 
ATOM   231 H "H4'"  . DA  A 1 8  ? 2.397   4.419   6.383   1.00 10.00 ? 8  DA  A "H4'"  1 
ATOM   232 H "H3'"  . DA  A 1 8  ? 3.261   7.030   5.872   1.00 10.00 ? 8  DA  A "H3'"  1 
ATOM   233 H "H2'"  . DA  A 1 8  ? 2.668   6.917   3.525   1.00 10.00 ? 8  DA  A "H2'"  1 
ATOM   234 H "H2''" . DA  A 1 8  ? 4.414   6.460   3.443   1.00 10.00 ? 8  DA  A "H2''" 1 
ATOM   235 H "H1'"  . DA  A 1 8  ? 3.818   4.036   3.639   1.00 10.00 ? 8  DA  A "H1'"  1 
ATOM   236 H H8     . DA  A 1 8  ? 1.193   6.344   2.021   1.00 10.00 ? 8  DA  A H8     1 
ATOM   237 H H61    . DA  A 1 8  ? 0.644   2.281   -2.541  1.00 10.00 ? 8  DA  A H61    1 
ATOM   238 H H62    . DA  A 1 8  ? 0.079   3.713   -1.718  1.00 10.00 ? 8  DA  A H62    1 
ATOM   239 H H2     . DA  A 1 8  ? 4.199   0.963   0.150   1.00 10.00 ? 8  DA  A H2     1 
ATOM   240 P P      . DC  A 1 9  ? 5.941   6.019   6.061   1.00 10.00 ? 9  DC  A P      1 
ATOM   241 O OP1    . DC  A 1 9  ? 6.512   5.537   7.340   1.00 10.00 ? 9  DC  A OP1    1 
ATOM   242 O OP2    . DC  A 1 9  ? 5.842   7.486   5.878   1.00 10.00 ? 9  DC  A OP2    1 
ATOM   243 O "O5'"  . DC  A 1 9  ? 6.746   5.374   4.849   1.00 10.00 ? 9  DC  A "O5'"  1 
ATOM   244 C "C5'"  . DC  A 1 9  ? 7.231   4.033   5.044   1.00 10.00 ? 9  DC  A "C5'"  1 
ATOM   245 C "C4'"  . DC  A 1 9  ? 7.987   3.433   3.836   1.00 10.00 ? 9  DC  A "C4'"  1 
ATOM   246 O "O4'"  . DC  A 1 9  ? 7.080   3.381   2.691   1.00 10.00 ? 9  DC  A "O4'"  1 
ATOM   247 C "C3'"  . DC  A 1 9  ? 9.231   4.196   3.354   1.00 10.00 ? 9  DC  A "C3'"  1 
ATOM   248 O "O3'"  . DC  A 1 9  ? 10.188  3.274   2.821   1.00 10.00 ? 9  DC  A "O3'"  1 
ATOM   249 C "C2'"  . DC  A 1 9  ? 8.613   5.118   2.298   1.00 10.00 ? 9  DC  A "C2'"  1 
ATOM   250 C "C1'"  . DC  A 1 9  ? 7.589   4.190   1.645   1.00 10.00 ? 9  DC  A "C1'"  1 
ATOM   251 N N1     . DC  A 1 9  ? 6.438   4.865   0.973   1.00 10.00 ? 9  DC  A N1     1 
ATOM   252 C C2     . DC  A 1 9  ? 5.924   4.246   -0.195  1.00 10.00 ? 9  DC  A C2     1 
ATOM   253 O O2     . DC  A 1 9  ? 6.299   3.119   -0.535  1.00 10.00 ? 9  DC  A O2     1 
ATOM   254 N N3     . DC  A 1 9  ? 4.960   4.896   -0.927  1.00 10.00 ? 9  DC  A N3     1 
ATOM   255 C C4     . DC  A 1 9  ? 4.406   6.036   -0.480  1.00 10.00 ? 9  DC  A C4     1 
ATOM   256 N N4     . DC  A 1 9  ? 3.367   6.574   -1.157  1.00 10.00 ? 9  DC  A N4     1 
ATOM   257 C C5     . DC  A 1 9  ? 4.871   6.648   0.736   1.00 10.00 ? 9  DC  A C5     1 
ATOM   258 C C6     . DC  A 1 9  ? 5.854   6.039   1.420   1.00 10.00 ? 9  DC  A C6     1 
ATOM   259 H "H5'"  . DC  A 1 9  ? 6.376   3.350   5.265   1.00 10.00 ? 9  DC  A "H5'"  1 
ATOM   260 H "H5''" . DC  A 1 9  ? 7.923   3.997   5.917   1.00 10.00 ? 9  DC  A "H5''" 1 
ATOM   261 H "H4'"  . DC  A 1 9  ? 8.259   2.383   4.083   1.00 10.00 ? 9  DC  A "H4'"  1 
ATOM   262 H "H3'"  . DC  A 1 9  ? 9.681   4.799   4.172   1.00 10.00 ? 9  DC  A "H3'"  1 
ATOM   263 H "H2'"  . DC  A 1 9  ? 8.106   5.964   2.808   1.00 10.00 ? 9  DC  A "H2'"  1 
ATOM   264 H "H2''" . DC  A 1 9  ? 9.347   5.515   1.572   1.00 10.00 ? 9  DC  A "H2''" 1 
ATOM   265 H "H1'"  . DC  A 1 9  ? 8.136   3.492   0.968   1.00 10.00 ? 9  DC  A "H1'"  1 
ATOM   266 H H41    . DC  A 1 9  ? 3.050   6.070   -1.971  1.00 10.00 ? 9  DC  A H41    1 
ATOM   267 H H42    . DC  A 1 9  ? 2.816   7.315   -0.781  1.00 10.00 ? 9  DC  A H42    1 
ATOM   268 H H5     . DC  A 1 9  ? 4.376   7.541   1.114   1.00 10.00 ? 9  DC  A H5     1 
ATOM   269 H H6     . DC  A 1 9  ? 6.153   6.395   2.410   1.00 10.00 ? 9  DC  A H6     1 
ATOM   270 P P      . DT  A 1 10 ? 11.548  3.705   2.132   1.00 10.00 ? 10 DT  A P      1 
ATOM   271 O OP1    . DT  A 1 10 ? 12.618  2.793   2.593   1.00 10.00 ? 10 DT  A OP1    1 
ATOM   272 O OP2    . DT  A 1 10 ? 11.769  5.159   2.317   1.00 10.00 ? 10 DT  A OP2    1 
ATOM   273 O "O5'"  . DT  A 1 10 ? 11.278  3.423   0.588   1.00 10.00 ? 10 DT  A "O5'"  1 
ATOM   274 C "C5'"  . DT  A 1 10 ? 11.280  2.055   0.142   1.00 10.00 ? 10 DT  A "C5'"  1 
ATOM   275 C "C4'"  . DT  A 1 10 ? 11.054  1.861   -1.385  1.00 10.00 ? 10 DT  A "C4'"  1 
ATOM   276 O "O4'"  . DT  A 1 10 ? 9.805   2.503   -1.793  1.00 10.00 ? 10 DT  A "O4'"  1 
ATOM   277 C "C3'"  . DT  A 1 10 ? 12.152  2.448   -2.294  1.00 10.00 ? 10 DT  A "C3'"  1 
ATOM   278 O "O3'"  . DT  A 1 10 ? 12.306  1.631   -3.456  1.00 10.00 ? 10 DT  A "O3'"  1 
ATOM   279 C "C2'"  . DT  A 1 10 ? 11.544  3.818   -2.633  1.00 10.00 ? 10 DT  A "C2'"  1 
ATOM   280 C "C1'"  . DT  A 1 10 ? 10.072  3.439   -2.818  1.00 10.00 ? 10 DT  A "C1'"  1 
ATOM   281 N N1     . DT  A 1 10 ? 9.096   4.555   -2.674  1.00 10.00 ? 10 DT  A N1     1 
ATOM   282 C C2     . DT  A 1 10 ? 8.026   4.614   -3.602  1.00 10.00 ? 10 DT  A C2     1 
ATOM   283 O O2     . DT  A 1 10 ? 7.800   3.775   -4.474  1.00 10.00 ? 10 DT  A O2     1 
ATOM   284 N N3     . DT  A 1 10 ? 7.210   5.738   -3.473  1.00 10.00 ? 10 DT  A N3     1 
ATOM   285 C C4     . DT  A 1 10 ? 7.322   6.770   -2.541  1.00 10.00 ? 10 DT  A C4     1 
ATOM   286 O O4     . DT  A 1 10 ? 6.543   7.726   -2.595  1.00 10.00 ? 10 DT  A O4     1 
ATOM   287 C C5     . DT  A 1 10 ? 8.390   6.591   -1.561  1.00 10.00 ? 10 DT  A C5     1 
ATOM   288 C C7     . DT  A 1 10 ? 8.548   7.602   -0.466  1.00 10.00 ? 10 DT  A C7     1 
ATOM   289 C C6     . DT  A 1 10 ? 9.206   5.517   -1.669  1.00 10.00 ? 10 DT  A C6     1 
ATOM   290 H "H5'"  . DT  A 1 10 ? 10.464  1.500   0.664   1.00 10.00 ? 10 DT  A "H5'"  1 
ATOM   291 H "H5''" . DT  A 1 10 ? 12.244  1.560   0.406   1.00 10.00 ? 10 DT  A "H5''" 1 
ATOM   292 H "H4'"  . DT  A 1 10 ? 10.942  0.772   -1.583  1.00 10.00 ? 10 DT  A "H4'"  1 
ATOM   293 H "H3'"  . DT  A 1 10 ? 13.116  2.517   -1.741  1.00 10.00 ? 10 DT  A "H3'"  1 
ATOM   294 H "H2'"  . DT  A 1 10 ? 11.676  4.515   -1.779  1.00 10.00 ? 10 DT  A "H2'"  1 
ATOM   295 H "H2''" . DT  A 1 10 ? 11.980  4.275   -3.538  1.00 10.00 ? 10 DT  A "H2''" 1 
ATOM   296 H "H1'"  . DT  A 1 10 ? 9.956   2.881   -3.777  1.00 10.00 ? 10 DT  A "H1'"  1 
ATOM   297 H H3     . DT  A 1 10 ? 6.485   5.839   -4.188  1.00 10.00 ? 10 DT  A H3     1 
ATOM   298 H H71    . DT  A 1 10 ? 8.074   8.574   -0.733  1.00 10.00 ? 10 DT  A H71    1 
ATOM   299 H H72    . DT  A 1 10 ? 8.079   7.246   0.475   1.00 10.00 ? 10 DT  A H72    1 
ATOM   300 H H73    . DT  A 1 10 ? 9.626   7.792   -0.259  1.00 10.00 ? 10 DT  A H73    1 
ATOM   301 H H6     . DT  A 1 10 ? 9.982   5.322   -0.929  1.00 10.00 ? 10 DT  A H6     1 
ATOM   302 P P      . DG  A 1 11 ? 13.351  1.934   -4.608  1.00 10.00 ? 11 DG  A P      1 
ATOM   303 O OP1    . DG  A 1 11 ? 14.055  0.675   -4.942  1.00 10.00 ? 11 DG  A OP1    1 
ATOM   304 O OP2    . DG  A 1 11 ? 14.186  3.106   -4.247  1.00 10.00 ? 11 DG  A OP2    1 
ATOM   305 O "O5'"  . DG  A 1 11 ? 12.423  2.339   -5.840  1.00 10.00 ? 11 DG  A "O5'"  1 
ATOM   306 C "C5'"  . DG  A 1 11 ? 11.945  1.267   -6.676  1.00 10.00 ? 11 DG  A "C5'"  1 
ATOM   307 C "C4'"  . DG  A 1 11 ? 11.074  1.711   -7.878  1.00 10.00 ? 11 DG  A "C4'"  1 
ATOM   308 O "O4'"  . DG  A 1 11 ? 9.932   2.500   -7.411  1.00 10.00 ? 11 DG  A "O4'"  1 
ATOM   309 C "C3'"  . DG  A 1 11 ? 11.801  2.593   -8.912  1.00 10.00 ? 11 DG  A "C3'"  1 
ATOM   310 O "O3'"  . DG  A 1 11 ? 11.314  2.317   -10.220 1.00 10.00 ? 11 DG  A "O3'"  1 
ATOM   311 C "C2'"  . DG  A 1 11 ? 11.413  3.977   -8.419  1.00 10.00 ? 11 DG  A "C2'"  1 
ATOM   312 C "C1'"  . DG  A 1 11 ? 9.956   3.759   -8.061  1.00 10.00 ? 11 DG  A "C1'"  1 
ATOM   313 N N9     . DG  A 1 11 ? 9.518   4.791   -7.121  1.00 10.00 ? 11 DG  A N9     1 
ATOM   314 C C8     . DG  A 1 11 ? 10.143  5.122   -5.972  1.00 10.00 ? 11 DG  A C8     1 
ATOM   315 N N7     . DG  A 1 11 ? 9.832   6.308   -5.487  1.00 10.00 ? 11 DG  A N7     1 
ATOM   316 C C5     . DG  A 1 11 ? 8.931   6.801   -6.414  1.00 10.00 ? 11 DG  A C5     1 
ATOM   317 C C6     . DG  A 1 11 ? 8.260   8.038   -6.450  1.00 10.00 ? 11 DG  A C6     1 
ATOM   318 O O6     . DG  A 1 11 ? 8.313   8.925   -5.584  1.00 10.00 ? 11 DG  A O6     1 
ATOM   319 N N1     . DG  A 1 11 ? 7.431   8.135   -7.596  1.00 10.00 ? 11 DG  A N1     1 
ATOM   320 C C2     . DG  A 1 11 ? 7.255   7.153   -8.565  1.00 10.00 ? 11 DG  A C2     1 
ATOM   321 N N2     . DG  A 1 11 ? 6.345   7.413   -9.511  1.00 10.00 ? 11 DG  A N2     1 
ATOM   322 N N3     . DG  A 1 11 ? 7.924   6.006   -8.511  1.00 10.00 ? 11 DG  A N3     1 
ATOM   323 C C4     . DG  A 1 11 ? 8.721   5.874   -7.435  1.00 10.00 ? 11 DG  A C4     1 
ATOM   324 H "H5'"  . DG  A 1 11 ? 11.330  0.564   -6.063  1.00 10.00 ? 11 DG  A "H5'"  1 
ATOM   325 H "H5''" . DG  A 1 11 ? 12.805  0.687   -7.091  1.00 10.00 ? 11 DG  A "H5''" 1 
ATOM   326 H "H4'"  . DG  A 1 11 ? 10.666  0.804   -8.375  1.00 10.00 ? 11 DG  A "H4'"  1 
ATOM   327 H "H3'"  . DG  A 1 11 ? 12.902  2.492   -8.879  1.00 10.00 ? 11 DG  A "H3'"  1 
ATOM   328 H "H2'"  . DG  A 1 11 ? 12.026  4.205   -7.520  1.00 10.00 ? 11 DG  A "H2'"  1 
ATOM   329 H "H2''" . DG  A 1 11 ? 11.559  4.795   -9.132  1.00 10.00 ? 11 DG  A "H2''" 1 
ATOM   330 H "H1'"  . DG  A 1 11 ? 9.315   3.690   -8.969  1.00 10.00 ? 11 DG  A "H1'"  1 
ATOM   331 H H8     . DG  A 1 11 ? 10.899  4.408   -5.642  1.00 10.00 ? 11 DG  A H8     1 
ATOM   332 H H1     . DG  A 1 11 ? 6.838   8.956   -7.667  1.00 10.00 ? 11 DG  A H1     1 
ATOM   333 H H21    . DG  A 1 11 ? 5.893   8.314   -9.596  1.00 10.00 ? 11 DG  A H21    1 
ATOM   334 H H22    . DG  A 1 11 ? 6.197   6.693   -10.187 1.00 10.00 ? 11 DG  A H22    1 
ATOM   335 P P      . DG  A 1 12 ? 11.833  3.072   -11.505 1.00 10.00 ? 12 DG  A P      1 
ATOM   336 O OP1    . DG  A 1 12 ? 11.878  2.114   -12.633 1.00 10.00 ? 12 DG  A OP1    1 
ATOM   337 O OP2    . DG  A 1 12 ? 13.083  3.804   -11.193 1.00 10.00 ? 12 DG  A OP2    1 
ATOM   338 O "O5'"  . DG  A 1 12 ? 10.673  4.116   -11.757 1.00 10.00 ? 12 DG  A "O5'"  1 
ATOM   339 C "C5'"  . DG  A 1 12 ? 9.480   3.719   -12.446 1.00 10.00 ? 12 DG  A "C5'"  1 
ATOM   340 C "C4'"  . DG  A 1 12 ? 8.684   4.907   -13.039 1.00 10.00 ? 12 DG  A "C4'"  1 
ATOM   341 O "O4'"  . DG  A 1 12 ? 8.313   5.833   -11.967 1.00 10.00 ? 12 DG  A "O4'"  1 
ATOM   342 C "C3'"  . DG  A 1 12 ? 9.481   5.739   -14.065 1.00 10.00 ? 12 DG  A "C3'"  1 
ATOM   343 O "O3'"  . DG  A 1 12 ? 8.616   6.239   -15.088 1.00 10.00 ? 12 DG  A "O3'"  1 
ATOM   344 C "C2'"  . DG  A 1 12 ? 10.067  6.813   -13.146 1.00 10.00 ? 12 DG  A "C2'"  1 
ATOM   345 C "C1'"  . DG  A 1 12 ? 8.894   7.098   -12.229 1.00 10.00 ? 12 DG  A "C1'"  1 
ATOM   346 N N9     . DG  A 1 12 ? 9.354   7.700   -10.974 1.00 10.00 ? 12 DG  A N9     1 
ATOM   347 C C8     . DG  A 1 12 ? 10.341  7.250   -10.154 1.00 10.00 ? 12 DG  A C8     1 
ATOM   348 N N7     . DG  A 1 12 ? 10.669  8.090   -9.190  1.00 10.00 ? 12 DG  A N7     1 
ATOM   349 C C5     . DG  A 1 12 ? 9.825   9.170   -9.391  1.00 10.00 ? 12 DG  A C5     1 
ATOM   350 C C6     . DG  A 1 12 ? 9.697   10.364  -8.651  1.00 10.00 ? 12 DG  A C6     1 
ATOM   351 O O6     . DG  A 1 12 ? 10.296  10.643  -7.606  1.00 10.00 ? 12 DG  A O6     1 
ATOM   352 N N1     . DG  A 1 12 ? 8.700   11.203  -9.188  1.00 10.00 ? 12 DG  A N1     1 
ATOM   353 C C2     . DG  A 1 12 ? 7.898   10.912  -10.283 1.00 10.00 ? 12 DG  A C2     1 
ATOM   354 N N2     . DG  A 1 12 ? 6.998   11.863  -10.553 1.00 10.00 ? 12 DG  A N2     1 
ATOM   355 N N3     . DG  A 1 12 ? 8.037   9.778   -10.976 1.00 10.00 ? 12 DG  A N3     1 
ATOM   356 C C4     . DG  A 1 12 ? 8.999   8.955   -10.493 1.00 10.00 ? 12 DG  A C4     1 
ATOM   357 H "H5'"  . DG  A 1 12 ? 8.811   3.187   -11.730 1.00 10.00 ? 12 DG  A "H5'"  1 
ATOM   358 H "H5''" . DG  A 1 12 ? 9.704   3.014   -13.281 1.00 10.00 ? 12 DG  A "H5''" 1 
ATOM   359 H "H4'"  . DG  A 1 12 ? 7.746   4.528   -13.498 1.00 10.00 ? 12 DG  A "H4'"  1 
ATOM   360 H "H3'"  . DG  A 1 12 ? 10.288  5.123   -14.519 1.00 10.00 ? 12 DG  A "H3'"  1 
ATOM   361 H "H2'"  . DG  A 1 12 ? 10.917  6.367   -12.585 1.00 10.00 ? 12 DG  A "H2'"  1 
ATOM   362 H "H2''" . DG  A 1 12 ? 10.439  7.727   -13.628 1.00 10.00 ? 12 DG  A "H2''" 1 
ATOM   363 H "H1'"  . DG  A 1 12 ? 8.119   7.713   -12.736 1.00 10.00 ? 12 DG  A "H1'"  1 
ATOM   364 H H8     . DG  A 1 12 ? 10.774  6.267   -10.387 1.00 10.00 ? 12 DG  A H8     1 
ATOM   365 H H1     . DG  A 1 12 ? 8.439   11.996  -8.610  1.00 10.00 ? 12 DG  A H1     1 
ATOM   366 H H21    . DG  A 1 12 ? 6.930   12.707  -10.003 1.00 10.00 ? 12 DG  A H21    1 
ATOM   367 H H22    . DG  A 1 12 ? 6.411   11.719  -11.344 1.00 10.00 ? 12 DG  A H22    1 
ATOM   368 P P      . DG  A 1 13 ? 8.972   7.450   -16.038 1.00 10.00 ? 13 DG  A P      1 
ATOM   369 O OP1    . DG  A 1 13 ? 8.258   7.294   -17.324 1.00 10.00 ? 13 DG  A OP1    1 
ATOM   370 O OP2    . DG  A 1 13 ? 10.441  7.625   -16.109 1.00 10.00 ? 13 DG  A OP2    1 
ATOM   371 O "O5'"  . DG  A 1 13 ? 8.364   8.693   -15.265 1.00 10.00 ? 13 DG  A "O5'"  1 
ATOM   372 C "C5'"  . DG  A 1 13 ? 6.953   8.923   -15.225 1.00 10.00 ? 13 DG  A "C5'"  1 
ATOM   373 C "C4'"  . DG  A 1 13 ? 6.592   10.423  -15.296 1.00 10.00 ? 13 DG  A "C4'"  1 
ATOM   374 O "O4'"  . DG  A 1 13 ? 7.038   11.111  -14.078 1.00 10.00 ? 13 DG  A "O4'"  1 
ATOM   375 C "C3'"  . DG  A 1 13 ? 7.281   11.131  -16.464 1.00 10.00 ? 13 DG  A "C3'"  1 
ATOM   376 O "O3'"  . DG  A 1 13 ? 6.469   12.144  -17.050 1.00 10.00 ? 13 DG  A "O3'"  1 
ATOM   377 C "C2'"  . DG  A 1 13 ? 8.493   11.777  -15.802 1.00 10.00 ? 13 DG  A "C2'"  1 
ATOM   378 C "C1'"  . DG  A 1 13 ? 7.979   12.129  -14.403 1.00 10.00 ? 13 DG  A "C1'"  1 
ATOM   379 N N9     . DG  A 1 13 ? 9.049   12.114  -13.380 1.00 10.00 ? 13 DG  A N9     1 
ATOM   380 C C8     . DG  A 1 13 ? 10.020  11.172  -13.246 1.00 10.00 ? 13 DG  A C8     1 
ATOM   381 N N7     . DG  A 1 13 ? 10.868  11.391  -12.268 1.00 10.00 ? 13 DG  A N7     1 
ATOM   382 C C5     . DG  A 1 13 ? 10.410  12.547  -11.674 1.00 10.00 ? 13 DG  A C5     1 
ATOM   383 C C6     . DG  A 1 13 ? 10.906  13.219  -10.539 1.00 10.00 ? 13 DG  A C6     1 
ATOM   384 O O6     . DG  A 1 13 ? 11.844  12.840  -9.824  1.00 10.00 ? 13 DG  A O6     1 
ATOM   385 N N1     . DG  A 1 13 ? 10.143  14.366  -10.246 1.00 10.00 ? 13 DG  A N1     1 
ATOM   386 C C2     . DG  A 1 13 ? 9.029   14.808  -10.948 1.00 10.00 ? 13 DG  A C2     1 
ATOM   387 N N2     . DG  A 1 13 ? 8.526   15.952  -10.463 1.00 10.00 ? 13 DG  A N2     1 
ATOM   388 N N3     . DG  A 1 13 ? 8.564   14.150  -12.029 1.00 10.00 ? 13 DG  A N3     1 
ATOM   389 C C4     . DG  A 1 13 ? 9.285   13.038  -12.344 1.00 10.00 ? 13 DG  A C4     1 
ATOM   390 H "H5'"  . DG  A 1 13 ? 6.548   8.514   -14.271 1.00 10.00 ? 13 DG  A "H5'"  1 
ATOM   391 H "H5''" . DG  A 1 13 ? 6.421   8.407   -16.061 1.00 10.00 ? 13 DG  A "H5''" 1 
ATOM   392 H "H4'"  . DG  A 1 13 ? 5.487   10.529  -15.361 1.00 10.00 ? 13 DG  A "H4'"  1 
ATOM   393 H "H3'"  . DG  A 1 13 ? 7.583   10.402  -17.249 1.00 10.00 ? 13 DG  A "H3'"  1 
ATOM   394 H "HO3'" . DG  A 1 13 ? 6.288   12.760  -16.335 1.00 10.00 ? 13 DG  A "HO3'" 1 
ATOM   395 H "H2'"  . DG  A 1 13 ? 9.300   11.013  -15.770 1.00 10.00 ? 13 DG  A "H2'"  1 
ATOM   396 H "H2''" . DG  A 1 13 ? 8.878   12.660  -16.336 1.00 10.00 ? 13 DG  A "H2''" 1 
ATOM   397 H "H1'"  . DG  A 1 13 ? 7.429   13.095  -14.405 1.00 10.00 ? 13 DG  A "H1'"  1 
ATOM   398 H H8     . DG  A 1 13 ? 9.985   10.311  -13.918 1.00 10.00 ? 13 DG  A H8     1 
ATOM   399 H H1     . DG  A 1 13 ? 10.305  14.758  -9.323  1.00 10.00 ? 13 DG  A H1     1 
ATOM   400 H H21    . DG  A 1 13 ? 8.802   16.249  -9.537  1.00 10.00 ? 13 DG  A H21    1 
ATOM   401 H H22    . DG  A 1 13 ? 7.690   16.298  -10.872 1.00 10.00 ? 13 DG  A H22    1 
ATOM   402 O "O5'"  . DC  B 2 1  ? 10.087  18.681  -1.723  1.00 10.00 ? 14 DC  B "O5'"  1 
ATOM   403 C "C5'"  . DC  B 2 1  ? 9.747   19.781  -2.564  1.00 10.00 ? 14 DC  B "C5'"  1 
ATOM   404 C "C4'"  . DC  B 2 1  ? 9.115   19.301  -3.873  1.00 10.00 ? 14 DC  B "C4'"  1 
ATOM   405 O "O4'"  . DC  B 2 1  ? 9.946   18.285  -4.509  1.00 10.00 ? 14 DC  B "O4'"  1 
ATOM   406 C "C3'"  . DC  B 2 1  ? 7.765   18.623  -3.623  1.00 10.00 ? 14 DC  B "C3'"  1 
ATOM   407 O "O3'"  . DC  B 2 1  ? 6.735   19.472  -4.115  1.00 10.00 ? 14 DC  B "O3'"  1 
ATOM   408 C "C2'"  . DC  B 2 1  ? 7.882   17.276  -4.368  1.00 10.00 ? 14 DC  B "C2'"  1 
ATOM   409 C "C1'"  . DC  B 2 1  ? 9.084   17.473  -5.280  1.00 10.00 ? 14 DC  B "C1'"  1 
ATOM   410 N N1     . DC  B 2 1  ? 9.783   16.212  -5.661  1.00 10.00 ? 14 DC  B N1     1 
ATOM   411 C C2     . DC  B 2 1  ? 9.815   15.855  -7.042  1.00 10.00 ? 14 DC  B C2     1 
ATOM   412 O O2     . DC  B 2 1  ? 9.184   16.493  -7.899  1.00 10.00 ? 14 DC  B O2     1 
ATOM   413 N N3     . DC  B 2 1  ? 10.592  14.794  -7.431  1.00 10.00 ? 14 DC  B N3     1 
ATOM   414 C C4     . DC  B 2 1  ? 11.306  14.090  -6.538  1.00 10.00 ? 14 DC  B C4     1 
ATOM   415 N N4     . DC  B 2 1  ? 12.060  13.058  -6.970  1.00 10.00 ? 14 DC  B N4     1 
ATOM   416 C C5     . DC  B 2 1  ? 11.281  14.430  -5.140  1.00 10.00 ? 14 DC  B C5     1 
ATOM   417 C C6     . DC  B 2 1  ? 10.517  15.463  -4.756  1.00 10.00 ? 14 DC  B C6     1 
ATOM   418 H "H5'"  . DC  B 2 1  ? 10.674  20.356  -2.786  1.00 10.00 ? 14 DC  B "H5'"  1 
ATOM   419 H "H5''" . DC  B 2 1  ? 9.037   20.449  -2.028  1.00 10.00 ? 14 DC  B "H5''" 1 
ATOM   420 H "H4'"  . DC  B 2 1  ? 9.012   20.141  -4.593  1.00 10.00 ? 14 DC  B "H4'"  1 
ATOM   421 H "H3'"  . DC  B 2 1  ? 7.631   18.428  -2.533  1.00 10.00 ? 14 DC  B "H3'"  1 
ATOM   422 H "H2'"  . DC  B 2 1  ? 8.066   16.466  -3.631  1.00 10.00 ? 14 DC  B "H2'"  1 
ATOM   423 H "H2''" . DC  B 2 1  ? 6.991   17.022  -4.969  1.00 10.00 ? 14 DC  B "H2''" 1 
ATOM   424 H "H1'"  . DC  B 2 1  ? 8.779   18.087  -6.160  1.00 10.00 ? 14 DC  B "H1'"  1 
ATOM   425 H H41    . DC  B 2 1  ? 12.045  12.872  -7.961  1.00 10.00 ? 14 DC  B H41    1 
ATOM   426 H H42    . DC  B 2 1  ? 12.507  12.416  -6.350  1.00 10.00 ? 14 DC  B H42    1 
ATOM   427 H H5     . DC  B 2 1  ? 11.919  13.894  -4.438  1.00 10.00 ? 14 DC  B H5     1 
ATOM   428 H H6     . DC  B 2 1  ? 10.468  15.802  -3.721  1.00 10.00 ? 14 DC  B H6     1 
ATOM   429 H "HO5'" . DC  B 2 1  ? 10.313  17.983  -2.352  1.00 10.00 ? 14 DC  B "HO5'" 1 
ATOM   430 P P      . DC  B 2 2  ? 5.217   19.080  -3.902  1.00 10.00 ? 15 DC  B P      1 
ATOM   431 O OP1    . DC  B 2 2  ? 4.412   20.312  -3.996  1.00 10.00 ? 15 DC  B OP1    1 
ATOM   432 O OP2    . DC  B 2 2  ? 5.090   18.262  -2.674  1.00 10.00 ? 15 DC  B OP2    1 
ATOM   433 O "O5'"  . DC  B 2 2  ? 4.888   18.184  -5.154  1.00 10.00 ? 15 DC  B "O5'"  1 
ATOM   434 C "C5'"  . DC  B 2 2  ? 4.812   18.811  -6.435  1.00 10.00 ? 15 DC  B "C5'"  1 
ATOM   435 C "C4'"  . DC  B 2 2  ? 4.492   17.803  -7.547  1.00 10.00 ? 15 DC  B "C4'"  1 
ATOM   436 O "O4'"  . DC  B 2 2  ? 5.551   16.792  -7.626  1.00 10.00 ? 15 DC  B "O4'"  1 
ATOM   437 C "C3'"  . DC  B 2 2  ? 3.183   17.046  -7.298  1.00 10.00 ? 15 DC  B "C3'"  1 
ATOM   438 O "O3'"  . DC  B 2 2  ? 2.479   16.933  -8.530  1.00 10.00 ? 15 DC  B "O3'"  1 
ATOM   439 C "C2'"  . DC  B 2 2  ? 3.681   15.703  -6.740  1.00 10.00 ? 15 DC  B "C2'"  1 
ATOM   440 C "C1'"  . DC  B 2 2  ? 4.983   15.501  -7.513  1.00 10.00 ? 15 DC  B "C1'"  1 
ATOM   441 N N1     . DC  B 2 2  ? 6.008   14.613  -6.885  1.00 10.00 ? 15 DC  B N1     1 
ATOM   442 C C2     . DC  B 2 2  ? 6.866   13.894  -7.760  1.00 10.00 ? 15 DC  B C2     1 
ATOM   443 O O2     . DC  B 2 2  ? 6.790   14.012  -8.990  1.00 10.00 ? 15 DC  B O2     1 
ATOM   444 N N3     . DC  B 2 2  ? 7.798   13.044  -7.225  1.00 10.00 ? 15 DC  B N3     1 
ATOM   445 C C4     . DC  B 2 2  ? 7.948   12.910  -5.904  1.00 10.00 ? 15 DC  B C4     1 
ATOM   446 N N4     . DC  B 2 2  ? 8.853   12.013  -5.448  1.00 10.00 ? 15 DC  B N4     1 
ATOM   447 C C5     . DC  B 2 2  ? 7.145   13.690  -4.998  1.00 10.00 ? 15 DC  B C5     1 
ATOM   448 C C6     . DC  B 2 2  ? 6.213   14.509  -5.517  1.00 10.00 ? 15 DC  B C6     1 
ATOM   449 H "H5'"  . DC  B 2 2  ? 5.782   19.301  -6.684  1.00 10.00 ? 15 DC  B "H5'"  1 
ATOM   450 H "H5''" . DC  B 2 2  ? 4.017   19.594  -6.433  1.00 10.00 ? 15 DC  B "H5''" 1 
ATOM   451 H "H4'"  . DC  B 2 2  ? 4.461   18.332  -8.523  1.00 10.00 ? 15 DC  B "H4'"  1 
ATOM   452 H "H3'"  . DC  B 2 2  ? 2.558   17.578  -6.544  1.00 10.00 ? 15 DC  B "H3'"  1 
ATOM   453 H "H2'"  . DC  B 2 2  ? 3.868   15.832  -5.654  1.00 10.00 ? 15 DC  B "H2'"  1 
ATOM   454 H "H2''" . DC  B 2 2  ? 2.968   14.872  -6.885  1.00 10.00 ? 15 DC  B "H2''" 1 
ATOM   455 H "H1'"  . DC  B 2 2  ? 4.727   15.182  -8.552  1.00 10.00 ? 15 DC  B "H1'"  1 
ATOM   456 H H41    . DC  B 2 2  ? 9.301   11.445  -6.154  1.00 10.00 ? 15 DC  B H41    1 
ATOM   457 H H42    . DC  B 2 2  ? 8.937   11.764  -4.485  1.00 10.00 ? 15 DC  B H42    1 
ATOM   458 H H5     . DC  B 2 2  ? 7.306   13.606  -3.925  1.00 10.00 ? 15 DC  B H5     1 
ATOM   459 H H6     . DC  B 2 2  ? 5.613   15.159  -4.882  1.00 10.00 ? 15 DC  B H6     1 
ATOM   460 P P      . DC  B 2 3  ? 1.116   16.144  -8.640  1.00 10.00 ? 16 DC  B P      1 
ATOM   461 O OP1    . DC  B 2 3  ? 0.272   16.833  -9.637  1.00 10.00 ? 16 DC  B OP1    1 
ATOM   462 O OP2    . DC  B 2 3  ? 0.542   15.904  -7.295  1.00 10.00 ? 16 DC  B OP2    1 
ATOM   463 O "O5'"  . DC  B 2 3  ? 1.582   14.760  -9.249  1.00 10.00 ? 16 DC  B "O5'"  1 
ATOM   464 C "C5'"  . DC  B 2 3  ? 1.812   14.657  -10.661 1.00 10.00 ? 16 DC  B "C5'"  1 
ATOM   465 C "C4'"  . DC  B 2 3  ? 2.058   13.206  -11.142 1.00 10.00 ? 16 DC  B "C4'"  1 
ATOM   466 O "O4'"  . DC  B 2 3  ? 3.245   12.643  -10.489 1.00 10.00 ? 16 DC  B "O4'"  1 
ATOM   467 C "C3'"  . DC  B 2 3  ? 0.896   12.252  -10.814 1.00 10.00 ? 16 DC  B "C3'"  1 
ATOM   468 O "O3'"  . DC  B 2 3  ? 0.734   11.289  -11.856 1.00 10.00 ? 16 DC  B "O3'"  1 
ATOM   469 C "C2'"  . DC  B 2 3  ? 1.385   11.643  -9.494  1.00 10.00 ? 16 DC  B "C2'"  1 
ATOM   470 C "C1'"  . DC  B 2 3  ? 2.873   11.467  -9.788  1.00 10.00 ? 16 DC  B "C1'"  1 
ATOM   471 N N1     . DC  B 2 3  ? 3.745   11.323  -8.588  1.00 10.00 ? 16 DC  B N1     1 
ATOM   472 C C2     . DC  B 2 3  ? 4.820   10.395  -8.656  1.00 10.00 ? 16 DC  B C2     1 
ATOM   473 O O2     . DC  B 2 3  ? 5.040   9.736   -9.681  1.00 10.00 ? 16 DC  B O2     1 
ATOM   474 N N3     . DC  B 2 3  ? 5.602   10.211  -7.538  1.00 10.00 ? 16 DC  B N3     1 
ATOM   475 C C4     . DC  B 2 3  ? 5.307   10.809  -6.373  1.00 10.00 ? 16 DC  B C4     1 
ATOM   476 N N4     . DC  B 2 3  ? 6.009   10.481  -5.261  1.00 10.00 ? 16 DC  B N4     1 
ATOM   477 C C5     . DC  B 2 3  ? 4.239   11.765  -6.294  1.00 10.00 ? 16 DC  B C5     1 
ATOM   478 C C6     . DC  B 2 3  ? 3.518   12.002  -7.402  1.00 10.00 ? 16 DC  B C6     1 
ATOM   479 H "H5'"  . DC  B 2 3  ? 2.703   15.265  -10.937 1.00 10.00 ? 16 DC  B "H5'"  1 
ATOM   480 H "H5''" . DC  B 2 3  ? 0.937   15.057  -11.227 1.00 10.00 ? 16 DC  B "H5''" 1 
ATOM   481 H "H4'"  . DC  B 2 3  ? 2.257   13.214  -12.234 1.00 10.00 ? 16 DC  B "H4'"  1 
ATOM   482 H "H3'"  . DC  B 2 3  ? -0.047  12.825  -10.665 1.00 10.00 ? 16 DC  B "H3'"  1 
ATOM   483 H "H2'"  . DC  B 2 3  ? 1.217   12.382  -8.684  1.00 10.00 ? 16 DC  B "H2'"  1 
ATOM   484 H "H2''" . DC  B 2 3  ? 0.882   10.702  -9.221  1.00 10.00 ? 16 DC  B "H2''" 1 
ATOM   485 H "H1'"  . DC  B 2 3  ? 2.995   10.623  -10.508 1.00 10.00 ? 16 DC  B "H1'"  1 
ATOM   486 H H41    . DC  B 2 3  ? 6.775   9.829   -5.365  1.00 10.00 ? 16 DC  B H41    1 
ATOM   487 H H42    . DC  B 2 3  ? 5.739   10.813  -4.362  1.00 10.00 ? 16 DC  B H42    1 
ATOM   488 H H5     . DC  B 2 3  ? 4.043   12.286  -5.359  1.00 10.00 ? 16 DC  B H5     1 
ATOM   489 H H6     . DC  B 2 3  ? 2.738   12.760  -7.418  1.00 10.00 ? 16 DC  B H6     1 
ATOM   490 P P      . DA  B 2 4  ? -0.254  10.056  -11.731 1.00 10.00 ? 17 DA  B P      1 
ATOM   491 O OP1    . DA  B 2 4  ? -0.879  9.795   -13.049 1.00 10.00 ? 17 DA  B OP1    1 
ATOM   492 O OP2    . DA  B 2 4  ? -1.181  10.257  -10.593 1.00 10.00 ? 17 DA  B OP2    1 
ATOM   493 O "O5'"  . DA  B 2 4  ? 0.756   8.877   -11.372 1.00 10.00 ? 17 DA  B "O5'"  1 
ATOM   494 C "C5'"  . DA  B 2 4  ? 1.537   8.305   -12.434 1.00 10.00 ? 17 DA  B "C5'"  1 
ATOM   495 C "C4'"  . DA  B 2 4  ? 2.145   6.923   -12.094 1.00 10.00 ? 17 DA  B "C4'"  1 
ATOM   496 O "O4'"  . DA  B 2 4  ? 3.079   7.042   -10.970 1.00 10.00 ? 17 DA  B "O4'"  1 
ATOM   497 C "C3'"  . DA  B 2 4  ? 1.091   5.872   -11.686 1.00 10.00 ? 17 DA  B "C3'"  1 
ATOM   498 O "O3'"  . DA  B 2 4  ? 1.405   4.608   -12.258 1.00 10.00 ? 17 DA  B "O3'"  1 
ATOM   499 C "C2'"  . DA  B 2 4  ? 1.187   5.935   -10.157 1.00 10.00 ? 17 DA  B "C2'"  1 
ATOM   500 C "C1'"  . DA  B 2 4  ? 2.680   6.156   -9.935  1.00 10.00 ? 17 DA  B "C1'"  1 
ATOM   501 N N9     . DA  B 2 4  ? 2.955   6.810   -8.646  1.00 10.00 ? 17 DA  B N9     1 
ATOM   502 C C8     . DA  B 2 4  ? 2.324   7.906   -8.137  1.00 10.00 ? 17 DA  B C8     1 
ATOM   503 N N7     . DA  B 2 4  ? 2.701   8.254   -6.929  1.00 10.00 ? 17 DA  B N7     1 
ATOM   504 C C5     . DA  B 2 4  ? 3.652   7.296   -6.617  1.00 10.00 ? 17 DA  B C5     1 
ATOM   505 C C6     . DA  B 2 4  ? 4.420   7.126   -5.456  1.00 10.00 ? 17 DA  B C6     1 
ATOM   506 N N6     . DA  B 2 4  ? 4.293   7.994   -4.426  1.00 10.00 ? 17 DA  B N6     1 
ATOM   507 N N1     . DA  B 2 4  ? 5.282   6.072   -5.444  1.00 10.00 ? 17 DA  B N1     1 
ATOM   508 C C2     . DA  B 2 4  ? 5.367   5.260   -6.515  1.00 10.00 ? 17 DA  B C2     1 
ATOM   509 N N3     . DA  B 2 4  ? 4.697   5.341   -7.660  1.00 10.00 ? 17 DA  B N3     1 
ATOM   510 C C4     . DA  B 2 4  ? 3.837   6.391   -7.645  1.00 10.00 ? 17 DA  B C4     1 
ATOM   511 H "H5'"  . DA  B 2 4  ? 2.378   8.993   -12.677 1.00 10.00 ? 17 DA  B "H5'"  1 
ATOM   512 H "H5''" . DA  B 2 4  ? 0.926   8.173   -13.359 1.00 10.00 ? 17 DA  B "H5''" 1 
ATOM   513 H "H4'"  . DA  B 2 4  ? 2.731   6.558   -12.965 1.00 10.00 ? 17 DA  B "H4'"  1 
ATOM   514 H "H3'"  . DA  B 2 4  ? 0.080   6.189   -12.029 1.00 10.00 ? 17 DA  B "H3'"  1 
ATOM   515 H "H2'"  . DA  B 2 4  ? 0.597   6.816   -9.823  1.00 10.00 ? 17 DA  B "H2'"  1 
ATOM   516 H "H2''" . DA  B 2 4  ? 0.811   5.045   -9.625  1.00 10.00 ? 17 DA  B "H2''" 1 
ATOM   517 H "H1'"  . DA  B 2 4  ? 3.253   5.209   -10.063 1.00 10.00 ? 17 DA  B "H1'"  1 
ATOM   518 H H8     . DA  B 2 4  ? 1.544   8.367   -8.742  1.00 10.00 ? 17 DA  B H8     1 
ATOM   519 H H61    . DA  B 2 4  ? 4.913   7.891   -3.640  1.00 10.00 ? 17 DA  B H61    1 
ATOM   520 H H62    . DA  B 2 4  ? 3.581   8.694   -4.458  1.00 10.00 ? 17 DA  B H62    1 
ATOM   521 H H2     . DA  B 2 4  ? 6.081   4.432   -6.453  1.00 10.00 ? 17 DA  B H2     1 
ATOM   522 P P      . DG  B 2 5  ? 0.960   3.182   -11.742 1.00 10.00 ? 18 DG  B P      1 
ATOM   523 O OP1    . DG  B 2 5  ? 0.959   2.243   -12.884 1.00 10.00 ? 18 DG  B OP1    1 
ATOM   524 O OP2    . DG  B 2 5  ? -0.277  3.285   -10.931 1.00 10.00 ? 18 DG  B OP2    1 
ATOM   525 O "O5'"  . DG  B 2 5  ? 2.137   2.798   -10.756 1.00 10.00 ? 18 DG  B "O5'"  1 
ATOM   526 C "C5'"  . DG  B 2 5  ? 3.435   2.476   -11.266 1.00 10.00 ? 18 DG  B "C5'"  1 
ATOM   527 C "C4'"  . DG  B 2 5  ? 4.191   1.479   -10.368 1.00 10.00 ? 18 DG  B "C4'"  1 
ATOM   528 O "O4'"  . DG  B 2 5  ? 4.510   2.102   -9.073  1.00 10.00 ? 18 DG  B "O4'"  1 
ATOM   529 C "C3'"  . DG  B 2 5  ? 3.355   0.223   -10.083 1.00 10.00 ? 18 DG  B "C3'"  1 
ATOM   530 O "O3'"  . DG  B 2 5  ? 4.135   -0.950  -10.301 1.00 10.00 ? 18 DG  B "O3'"  1 
ATOM   531 C "C2'"  . DG  B 2 5  ? 2.901   0.456   -8.634  1.00 10.00 ? 18 DG  B "C2'"  1 
ATOM   532 C "C1'"  . DG  B 2 5  ? 3.982   1.334   -7.998  1.00 10.00 ? 18 DG  B "C1'"  1 
ATOM   533 N N9     . DG  B 2 5  ? 3.418   2.283   -6.999  1.00 10.00 ? 18 DG  B N9     1 
ATOM   534 C C8     . DG  B 2 5  ? 2.381   3.123   -7.216  1.00 10.00 ? 18 DG  B C8     1 
ATOM   535 N N7     . DG  B 2 5  ? 2.053   3.891   -6.194  1.00 10.00 ? 18 DG  B N7     1 
ATOM   536 C C5     . DG  B 2 5  ? 2.959   3.541   -5.211  1.00 10.00 ? 18 DG  B C5     1 
ATOM   537 C C6     . DG  B 2 5  ? 3.119   4.061   -3.899  1.00 10.00 ? 18 DG  B C6     1 
ATOM   538 O O6     . DG  B 2 5  ? 2.486   5.000   -3.389  1.00 10.00 ? 18 DG  B O6     1 
ATOM   539 N N1     . DG  B 2 5  ? 4.169   3.416   -3.222  1.00 10.00 ? 18 DG  B N1     1 
ATOM   540 C C2     . DG  B 2 5  ? 4.958   2.390   -3.722  1.00 10.00 ? 18 DG  B C2     1 
ATOM   541 N N2     . DG  B 2 5  ? 5.787   1.871   -2.811  1.00 10.00 ? 18 DG  B N2     1 
ATOM   542 N N3     . DG  B 2 5  ? 4.827   1.947   -4.983  1.00 10.00 ? 18 DG  B N3     1 
ATOM   543 C C4     . DG  B 2 5  ? 3.820   2.535   -5.673  1.00 10.00 ? 18 DG  B C4     1 
ATOM   544 H "H5'"  . DG  B 2 5  ? 4.041   3.406   -11.335 1.00 10.00 ? 18 DG  B "H5'"  1 
ATOM   545 H "H5''" . DG  B 2 5  ? 3.383   2.034   -12.289 1.00 10.00 ? 18 DG  B "H5''" 1 
ATOM   546 H "H4'"  . DG  B 2 5  ? 5.156   1.208   -10.847 1.00 10.00 ? 18 DG  B "H4'"  1 
ATOM   547 H "H3'"  . DG  B 2 5  ? 2.466   0.201   -10.757 1.00 10.00 ? 18 DG  B "H3'"  1 
ATOM   548 H "H2'"  . DG  B 2 5  ? 1.925   0.984   -8.666  1.00 10.00 ? 18 DG  B "H2'"  1 
ATOM   549 H "H2''" . DG  B 2 5  ? 2.744   -0.452  -8.049  1.00 10.00 ? 18 DG  B "H2''" 1 
ATOM   550 H "H1'"  . DG  B 2 5  ? 4.813   0.717   -7.588  1.00 10.00 ? 18 DG  B "H1'"  1 
ATOM   551 H H8     . DG  B 2 5  ? 1.925   3.052   -8.205  1.00 10.00 ? 18 DG  B H8     1 
ATOM   552 H H1     . DG  B 2 5  ? 4.409   3.816   -2.317  1.00 10.00 ? 18 DG  B H1     1 
ATOM   553 H H21    . DG  B 2 5  ? 5.893   2.282   -1.894  1.00 10.00 ? 18 DG  B H21    1 
ATOM   554 H H22    . DG  B 2 5  ? 6.314   1.067   -3.074  1.00 10.00 ? 18 DG  B H22    1 
ATOM   555 P P      . DT  B 2 6  ? 3.640   -2.410  -9.968  1.00 10.00 ? 19 DT  B P      1 
ATOM   556 O OP1    . DT  B 2 6  ? 4.414   -3.350  -10.809 1.00 10.00 ? 19 DT  B OP1    1 
ATOM   557 O OP2    . DT  B 2 6  ? 2.163   -2.501  -10.067 1.00 10.00 ? 19 DT  B OP2    1 
ATOM   558 O "O5'"  . DT  B 2 6  ? 4.110   -2.592  -8.450  1.00 10.00 ? 19 DT  B "O5'"  1 
ATOM   559 C "C5'"  . DT  B 2 6  ? 5.532   -2.740  -8.250  1.00 10.00 ? 19 DT  B "C5'"  1 
ATOM   560 C "C4'"  . DT  B 2 6  ? 5.995   -2.898  -6.776  1.00 10.00 ? 19 DT  B "C4'"  1 
ATOM   561 O "O4'"  . DT  B 2 6  ? 5.481   -1.790  -5.972  1.00 10.00 ? 19 DT  B "O4'"  1 
ATOM   562 C "C3'"  . DT  B 2 6  ? 5.555   -4.188  -6.059  1.00 10.00 ? 19 DT  B "C3'"  1 
ATOM   563 O "O3'"  . DT  B 2 6  ? 6.596   -4.632  -5.177  1.00 10.00 ? 19 DT  B "O3'"  1 
ATOM   564 C "C2'"  . DT  B 2 6  ? 4.307   -3.687  -5.321  1.00 10.00 ? 19 DT  B "C2'"  1 
ATOM   565 C "C1'"  . DT  B 2 6  ? 4.761   -2.302  -4.865  1.00 10.00 ? 19 DT  B "C1'"  1 
ATOM   566 N N1     . DT  B 2 6  ? 3.638   -1.375  -4.555  1.00 10.00 ? 19 DT  B N1     1 
ATOM   567 C C2     . DT  B 2 6  ? 3.617   -0.730  -3.288  1.00 10.00 ? 19 DT  B C2     1 
ATOM   568 O O2     . DT  B 2 6  ? 4.506   -0.800  -2.444  1.00 10.00 ? 19 DT  B O2     1 
ATOM   569 N N3     . DT  B 2 6  ? 2.486   0.051   -3.050  1.00 10.00 ? 19 DT  B N3     1 
ATOM   570 C C4     . DT  B 2 6  ? 1.404   0.242   -3.918  1.00 10.00 ? 19 DT  B C4     1 
ATOM   571 O O4     . DT  B 2 6  ? 0.448   0.930   -3.575  1.00 10.00 ? 19 DT  B O4     1 
ATOM   572 C C5     . DT  B 2 6  ? 1.504   -0.436  -5.195  1.00 10.00 ? 19 DT  B C5     1 
ATOM   573 C C7     . DT  B 2 6  ? 0.373   -0.277  -6.162  1.00 10.00 ? 19 DT  B C7     1 
ATOM   574 C C6     . DT  B 2 6  ? 2.596   -1.183  -5.455  1.00 10.00 ? 19 DT  B C6     1 
ATOM   575 H "H5'"  . DT  B 2 6  ? 6.057   -1.836  -8.644  1.00 10.00 ? 19 DT  B "H5'"  1 
ATOM   576 H "H5''" . DT  B 2 6  ? 5.913   -3.624  -8.814  1.00 10.00 ? 19 DT  B "H5''" 1 
ATOM   577 H "H4'"  . DT  B 2 6  ? 7.104   -2.827  -6.758  1.00 10.00 ? 19 DT  B "H4'"  1 
ATOM   578 H "H3'"  . DT  B 2 6  ? 5.304   -4.979  -6.798  1.00 10.00 ? 19 DT  B "H3'"  1 
ATOM   579 H "H2'"  . DT  B 2 6  ? 3.471   -3.611  -6.050  1.00 10.00 ? 19 DT  B "H2'"  1 
ATOM   580 H "H2''" . DT  B 2 6  ? 3.982   -4.317  -4.478  1.00 10.00 ? 19 DT  B "H2''" 1 
ATOM   581 H "H1'"  . DT  B 2 6  ? 5.497   -2.393  -4.030  1.00 10.00 ? 19 DT  B "H1'"  1 
ATOM   582 H H3     . DT  B 2 6  ? 2.483   0.567   -2.165  1.00 10.00 ? 19 DT  B H3     1 
ATOM   583 H H71    . DT  B 2 6  ? -0.610  -0.287  -5.635  1.00 10.00 ? 19 DT  B H71    1 
ATOM   584 H H72    . DT  B 2 6  ? 0.457   0.689   -6.709  1.00 10.00 ? 19 DT  B H72    1 
ATOM   585 H H73    . DT  B 2 6  ? 0.369   -1.099  -6.913  1.00 10.00 ? 19 DT  B H73    1 
ATOM   586 H H6     . DT  B 2 6  ? 2.747   -1.652  -6.429  1.00 10.00 ? 19 DT  B H6     1 
ATOM   587 P P      . DA  B 2 7  ? 6.433   -5.858  -4.186  1.00 10.00 ? 20 DA  B P      1 
ATOM   588 O OP1    . DA  B 2 7  ? 7.628   -6.732  -4.282  1.00 10.00 ? 20 DA  B OP1    1 
ATOM   589 O OP2    . DA  B 2 7  ? 5.113   -6.501  -4.394  1.00 10.00 ? 20 DA  B OP2    1 
ATOM   590 O "O5'"  . DA  B 2 7  ? 6.380   -5.174  -2.744  1.00 10.00 ? 20 DA  B "O5'"  1 
ATOM   591 C "C5'"  . DA  B 2 7  ? 7.594   -4.717  -2.139  1.00 10.00 ? 20 DA  B "C5'"  1 
ATOM   592 C "C4'"  . DA  B 2 7  ? 7.416   -4.067  -0.743  1.00 10.00 ? 20 DA  B "C4'"  1 
ATOM   593 O "O4'"  . DA  B 2 7  ? 6.414   -3.005  -0.799  1.00 10.00 ? 20 DA  B "O4'"  1 
ATOM   594 C "C3'"  . DA  B 2 7  ? 6.988   -5.002  0.402   1.00 10.00 ? 20 DA  B "C3'"  1 
ATOM   595 O "O3'"  . DA  B 2 7  ? 7.808   -4.747  1.536   1.00 10.00 ? 20 DA  B "O3'"  1 
ATOM   596 C "C2'"  . DA  B 2 7  ? 5.534   -4.625  0.626   1.00 10.00 ? 20 DA  B "C2'"  1 
ATOM   597 C "C1'"  . DA  B 2 7  ? 5.476   -3.165  0.255   1.00 10.00 ? 20 DA  B "C1'"  1 
ATOM   598 N N9     . DA  B 2 7  ? 4.144   -2.866  -0.263  1.00 10.00 ? 20 DA  B N9     1 
ATOM   599 C C8     . DA  B 2 7  ? 3.575   -3.426  -1.350  1.00 10.00 ? 20 DA  B C8     1 
ATOM   600 N N7     . DA  B 2 7  ? 2.357   -3.005  -1.617  1.00 10.00 ? 20 DA  B N7     1 
ATOM   601 C C5     . DA  B 2 7  ? 2.116   -2.099  -0.596  1.00 10.00 ? 20 DA  B C5     1 
ATOM   602 C C6     . DA  B 2 7  ? 0.997   -1.289  -0.324  1.00 10.00 ? 20 DA  B C6     1 
ATOM   603 N N6     . DA  B 2 7  ? -0.029  -1.208  -1.204  1.00 10.00 ? 20 DA  B N6     1 
ATOM   604 N N1     . DA  B 2 7  ? 1.037   -0.575  0.830   1.00 10.00 ? 20 DA  B N1     1 
ATOM   605 C C2     . DA  B 2 7  ? 2.125   -0.618  1.601   1.00 10.00 ? 20 DA  B C2     1 
ATOM   606 N N3     . DA  B 2 7  ? 3.269   -1.271  1.392   1.00 10.00 ? 20 DA  B N3     1 
ATOM   607 C C4     . DA  B 2 7  ? 3.186   -2.018  0.272   1.00 10.00 ? 20 DA  B C4     1 
ATOM   608 H "H5'"  . DA  B 2 7  ? 8.060   -3.945  -2.797  1.00 10.00 ? 20 DA  B "H5'"  1 
ATOM   609 H "H5''" . DA  B 2 7  ? 8.319   -5.555  -2.035  1.00 10.00 ? 20 DA  B "H5''" 1 
ATOM   610 H "H4'"  . DA  B 2 7  ? 8.379   -3.576  -0.480  1.00 10.00 ? 20 DA  B "H4'"  1 
ATOM   611 H "H3'"  . DA  B 2 7  ? 7.035   -6.073  0.126   1.00 10.00 ? 20 DA  B "H3'"  1 
ATOM   612 H "H2'"  . DA  B 2 7  ? 4.870   -5.278  0.021   1.00 10.00 ? 20 DA  B "H2'"  1 
ATOM   613 H "H2''" . DA  B 2 7  ? 5.202   -4.696  1.651   1.00 10.00 ? 20 DA  B "H2''" 1 
ATOM   614 H "H1'"  . DA  B 2 7  ? 5.781   -2.513  1.104   1.00 10.00 ? 20 DA  B "H1'"  1 
ATOM   615 H H8     . DA  B 2 7  ? 4.154   -4.239  -1.794  1.00 10.00 ? 20 DA  B H8     1 
ATOM   616 H H61    . DA  B 2 7  ? -0.831  -0.674  -0.941  1.00 10.00 ? 20 DA  B H61    1 
ATOM   617 H H62    . DA  B 2 7  ? 0.054   -1.669  -2.091  1.00 10.00 ? 20 DA  B H62    1 
ATOM   618 H H2     . DA  B 2 7  ? 2.064   -0.045  2.532   1.00 10.00 ? 20 DA  B H2     1 
ATOM   619 P P      . DC  B 2 8  ? 7.643   -5.560  2.877   1.00 10.00 ? 21 DC  B P      1 
ATOM   620 O OP1    . DC  B 2 8  ? 8.934   -5.517  3.598   1.00 10.00 ? 21 DC  B OP1    1 
ATOM   621 O OP2    . DC  B 2 8  ? 7.068   -6.896  2.600   1.00 10.00 ? 21 DC  B OP2    1 
ATOM   622 O "O5'"  . DC  B 2 8  ? 6.599   -4.730  3.704   1.00 10.00 ? 21 DC  B "O5'"  1 
ATOM   623 C "C5'"  . DC  B 2 8  ? 6.956   -3.506  4.350   1.00 10.00 ? 21 DC  B "C5'"  1 
ATOM   624 C "C4'"  . DC  B 2 8  ? 5.794   -3.002  5.214   1.00 10.00 ? 21 DC  B "C4'"  1 
ATOM   625 O "O4'"  . DC  B 2 8  ? 4.626   -2.807  4.370   1.00 10.00 ? 21 DC  B "O4'"  1 
ATOM   626 C "C3'"  . DC  B 2 8  ? 5.435   -3.986  6.329   1.00 10.00 ? 21 DC  B "C3'"  1 
ATOM   627 O "O3'"  . DC  B 2 8  ? 5.603   -3.338  7.589   1.00 10.00 ? 21 DC  B "O3'"  1 
ATOM   628 C "C2'"  . DC  B 2 8  ? 4.012   -4.398  5.957   1.00 10.00 ? 21 DC  B "C2'"  1 
ATOM   629 C "C1'"  . DC  B 2 8  ? 3.493   -3.329  5.002   1.00 10.00 ? 21 DC  B "C1'"  1 
ATOM   630 N N1     . DC  B 2 8  ? 2.602   -3.853  3.940   1.00 10.00 ? 21 DC  B N1     1 
ATOM   631 C C2     . DC  B 2 8  ? 1.426   -3.111  3.612   1.00 10.00 ? 21 DC  B C2     1 
ATOM   632 O O2     . DC  B 2 8  ? 1.161   -2.013  4.129   1.00 10.00 ? 21 DC  B O2     1 
ATOM   633 N N3     . DC  B 2 8  ? 0.596   -3.617  2.646   1.00 10.00 ? 21 DC  B N3     1 
ATOM   634 C C4     . DC  B 2 8  ? 0.914   -4.728  1.958   1.00 10.00 ? 21 DC  B C4     1 
ATOM   635 N N4     . DC  B 2 8  ? 0.102   -5.138  0.960   1.00 10.00 ? 21 DC  B N4     1 
ATOM   636 C C5     . DC  B 2 8  ? 2.112   -5.461  2.248   1.00 10.00 ? 21 DC  B C5     1 
ATOM   637 C C6     . DC  B 2 8  ? 2.914   -4.998  3.216   1.00 10.00 ? 21 DC  B C6     1 
ATOM   638 H "H5'"  . DC  B 2 8  ? 7.195   -2.732  3.585   1.00 10.00 ? 21 DC  B "H5'"  1 
ATOM   639 H "H5''" . DC  B 2 8  ? 7.852   -3.648  4.997   1.00 10.00 ? 21 DC  B "H5''" 1 
ATOM   640 H "H4'"  . DC  B 2 8  ? 5.950   -2.027  5.690   1.00 10.00 ? 21 DC  B "H4'"  1 
ATOM   641 H "H3'"  . DC  B 2 8  ? 6.096   -4.879  6.280   1.00 10.00 ? 21 DC  B "H3'"  1 
ATOM   642 H "H2'"  . DC  B 2 8  ? 4.034   -5.412  5.510   1.00 10.00 ? 21 DC  B "H2'"  1 
ATOM   643 H "H2''" . DC  B 2 8  ? 3.360   -4.389  6.818   1.00 10.00 ? 21 DC  B "H2''" 1 
ATOM   644 H "H1'"  . DC  B 2 8  ? 3.050   -2.490  5.587   1.00 10.00 ? 21 DC  B "H1'"  1 
ATOM   645 H H41    . DC  B 2 8  ? -0.643  -4.496  0.724   1.00 10.00 ? 21 DC  B H41    1 
ATOM   646 H H42    . DC  B 2 8  ? 0.283   -5.955  0.417   1.00 10.00 ? 21 DC  B H42    1 
ATOM   647 H H5     . DC  B 2 8  ? 2.363   -6.349  1.669   1.00 10.00 ? 21 DC  B H5     1 
ATOM   648 H H6     . DC  B 2 8  ? 3.866   -5.492  3.447   1.00 10.00 ? 21 DC  B H6     1 
ATOM   649 P P      . DT  B 2 9  ? 4.911   -3.658  8.967   1.00 10.00 ? 22 DT  B P      1 
ATOM   650 O OP1    . DT  B 2 9  ? 5.660   -2.978  10.044  1.00 10.00 ? 22 DT  B OP1    1 
ATOM   651 O OP2    . DT  B 2 9  ? 4.669   -5.115  9.081   1.00 10.00 ? 22 DT  B OP2    1 
ATOM   652 O "O5'"  . DT  B 2 9  ? 3.492   -2.975  8.825   1.00 10.00 ? 22 DT  B "O5'"  1 
ATOM   653 C "C5'"  . DT  B 2 9  ? 3.341   -1.579  8.621   1.00 10.00 ? 22 DT  B "C5'"  1 
ATOM   654 C "C4'"  . DT  B 2 9  ? 1.858   -1.170  8.509   1.00 10.00 ? 22 DT  B "C4'"  1 
ATOM   655 O "O4'"  . DT  B 2 9  ? 1.204   -1.844  7.385   1.00 10.00 ? 22 DT  B "O4'"  1 
ATOM   656 C "C3'"  . DT  B 2 9  ? 1.037   -1.517  9.767   1.00 10.00 ? 22 DT  B "C3'"  1 
ATOM   657 O "O3'"  . DT  B 2 9  ? 0.446   -0.323  10.254  1.00 10.00 ? 22 DT  B "O3'"  1 
ATOM   658 C "C2'"  . DT  B 2 9  ? 0.024   -2.557  9.249   1.00 10.00 ? 22 DT  B "C2'"  1 
ATOM   659 C "C1'"  . DT  B 2 9  ? -0.114  -2.203  7.771   1.00 10.00 ? 22 DT  B "C1'"  1 
ATOM   660 N N1     . DT  B 2 9  ? -0.562  -3.338  6.906   1.00 10.00 ? 22 DT  B N1     1 
ATOM   661 C C2     . DT  B 2 9  ? -1.633  -3.120  5.992   1.00 10.00 ? 22 DT  B C2     1 
ATOM   662 O O2     . DT  B 2 9  ? -2.376  -2.143  5.990   1.00 10.00 ? 22 DT  B O2     1 
ATOM   663 N N3     . DT  B 2 9  ? -1.781  -4.123  5.035   1.00 10.00 ? 22 DT  B N3     1 
ATOM   664 C C4     . DT  B 2 9  ? -1.027  -5.288  4.894   1.00 10.00 ? 22 DT  B C4     1 
ATOM   665 O O4     . DT  B 2 9  ? -1.304  -6.096  4.003   1.00 10.00 ? 22 DT  B O4     1 
ATOM   666 C C5     . DT  B 2 9  ? 0.031   -5.455  5.884   1.00 10.00 ? 22 DT  B C5     1 
ATOM   667 C C7     . DT  B 2 9  ? 0.896   -6.679  5.819   1.00 10.00 ? 22 DT  B C7     1 
ATOM   668 C C6     . DT  B 2 9  ? 0.207   -4.494  6.817   1.00 10.00 ? 22 DT  B C6     1 
ATOM   669 H "H5'"  . DT  B 2 9  ? 3.856   -1.274  7.681   1.00 10.00 ? 22 DT  B "H5'"  1 
ATOM   670 H "H5''" . DT  B 2 9  ? 3.803   -1.018  9.465   1.00 10.00 ? 22 DT  B "H5''" 1 
ATOM   671 H "H4'"  . DT  B 2 9  ? 1.799   -0.082  8.288   1.00 10.00 ? 22 DT  B "H4'"  1 
ATOM   672 H "H3'"  . DT  B 2 9  ? 1.678   -1.983  10.549  1.00 10.00 ? 22 DT  B "H3'"  1 
ATOM   673 H "H2'"  . DT  B 2 9  ? 0.468   -3.567  9.377   1.00 10.00 ? 22 DT  B "H2'"  1 
ATOM   674 H "H2''" . DT  B 2 9  ? -0.950  -2.535  9.760   1.00 10.00 ? 22 DT  B "H2''" 1 
ATOM   675 H "H1'"  . DT  B 2 9  ? -0.747  -1.290  7.661   1.00 10.00 ? 22 DT  B "H1'"  1 
ATOM   676 H H3     . DT  B 2 9  ? -2.527  -3.968  4.355   1.00 10.00 ? 22 DT  B H3     1 
ATOM   677 H H71    . DT  B 2 9  ? 1.658   -6.675  6.631   1.00 10.00 ? 22 DT  B H71    1 
ATOM   678 H H72    . DT  B 2 9  ? 0.279   -7.601  5.929   1.00 10.00 ? 22 DT  B H72    1 
ATOM   679 H H73    . DT  B 2 9  ? 1.441   -6.731  4.850   1.00 10.00 ? 22 DT  B H73    1 
ATOM   680 H H6     . DT  B 2 9  ? 0.987   -4.542  7.577   1.00 10.00 ? 22 DT  B H6     1 
ATOM   681 P P      . DT  B 2 10 ? -0.456  -0.157  11.530  1.00 10.00 ? 23 DT  B P      1 
ATOM   682 O OP1    . DT  B 2 10 ? -0.470  1.287   11.860  1.00 10.00 ? 23 DT  B OP1    1 
ATOM   683 O OP2    . DT  B 2 10 ? -0.036  -1.102  12.593  1.00 10.00 ? 23 DT  B OP2    1 
ATOM   684 O "O5'"  . DT  B 2 10 ? -1.879  -0.568  10.945  1.00 10.00 ? 23 DT  B "O5'"  1 
ATOM   685 C "C5'"  . DT  B 2 10 ? -2.549  0.364   10.078  1.00 10.00 ? 23 DT  B "C5'"  1 
ATOM   686 C "C4'"  . DT  B 2 10 ? -3.892  -0.175  9.568   1.00 10.00 ? 23 DT  B "C4'"  1 
ATOM   687 O "O4'"  . DT  B 2 10 ? -3.641  -1.343  8.741   1.00 10.00 ? 23 DT  B "O4'"  1 
ATOM   688 C "C3'"  . DT  B 2 10 ? -4.881  -0.593  10.666  1.00 10.00 ? 23 DT  B "C3'"  1 
ATOM   689 O "O3'"  . DT  B 2 10 ? -6.051  0.234   10.612  1.00 10.00 ? 23 DT  B "O3'"  1 
ATOM   690 C "C2'"  . DT  B 2 10 ? -5.146  -2.059  10.294  1.00 10.00 ? 23 DT  B "C2'"  1 
ATOM   691 C "C1'"  . DT  B 2 10 ? -4.768  -2.157  8.828   1.00 10.00 ? 23 DT  B "C1'"  1 
ATOM   692 N N1     . DT  B 2 10 ? -4.386  -3.524  8.393   1.00 10.00 ? 23 DT  B N1     1 
ATOM   693 C C2     . DT  B 2 10 ? -4.970  -4.022  7.208   1.00 10.00 ? 23 DT  B C2     1 
ATOM   694 O O2     . DT  B 2 10 ? -5.852  -3.465  6.558   1.00 10.00 ? 23 DT  B O2     1 
ATOM   695 N N3     . DT  B 2 10 ? -4.450  -5.246  6.793   1.00 10.00 ? 23 DT  B N3     1 
ATOM   696 C C4     . DT  B 2 10 ? -3.429  -5.995  7.381   1.00 10.00 ? 23 DT  B C4     1 
ATOM   697 O O4     . DT  B 2 10 ? -3.066  -7.050  6.851   1.00 10.00 ? 23 DT  B O4     1 
ATOM   698 C C5     . DT  B 2 10 ? -2.879  -5.410  8.598   1.00 10.00 ? 23 DT  B C5     1 
ATOM   699 C C7     . DT  B 2 10 ? -1.766  -6.120  9.302   1.00 10.00 ? 23 DT  B C7     1 
ATOM   700 C C6     . DT  B 2 10 ? -3.371  -4.229  9.033   1.00 10.00 ? 23 DT  B C6     1 
ATOM   701 H "H5'"  . DT  B 2 10 ? -1.917  0.592   9.187   1.00 10.00 ? 23 DT  B "H5'"  1 
ATOM   702 H "H5''" . DT  B 2 10 ? -2.740  1.321   10.615  1.00 10.00 ? 23 DT  B "H5''" 1 
ATOM   703 H "H4'"  . DT  B 2 10 ? -4.434  0.512   8.899   1.00 10.00 ? 23 DT  B "H4'"  1 
ATOM   704 H "H3'"  . DT  B 2 10 ? -4.403  -0.526  11.669  1.00 10.00 ? 23 DT  B "H3'"  1 
ATOM   705 H "H2'"  . DT  B 2 10 ? -4.536  -2.718  10.941  1.00 10.00 ? 23 DT  B "H2'"  1 
ATOM   706 H "H2''" . DT  B 2 10 ? -6.196  -2.321  10.372  1.00 10.00 ? 23 DT  B "H2''" 1 
ATOM   707 H "H1'"  . DT  B 2 10 ? -5.557  -1.687  8.195   1.00 10.00 ? 23 DT  B "H1'"  1 
ATOM   708 H H3     . DT  B 2 10 ? -4.853  -5.602  5.924   1.00 10.00 ? 23 DT  B H3     1 
ATOM   709 H H71    . DT  B 2 10 ? -0.937  -6.356  8.597   1.00 10.00 ? 23 DT  B H71    1 
ATOM   710 H H72    . DT  B 2 10 ? -1.344  -5.497  10.124  1.00 10.00 ? 23 DT  B H72    1 
ATOM   711 H H73    . DT  B 2 10 ? -2.128  -7.074  9.745   1.00 10.00 ? 23 DT  B H73    1 
ATOM   712 H H6     . DT  B 2 10 ? -2.990  -3.727  9.920   1.00 10.00 ? 23 DT  B H6     1 
ATOM   713 P P      . DT  B 2 11 ? -7.374  -0.101  11.421  1.00 10.00 ? 24 DT  B P      1 
ATOM   714 O OP1    . DT  B 2 11 ? -8.095  1.152   11.728  1.00 10.00 ? 24 DT  B OP1    1 
ATOM   715 O OP2    . DT  B 2 11 ? -7.042  -0.974  12.572  1.00 10.00 ? 24 DT  B OP2    1 
ATOM   716 O "O5'"  . DT  B 2 11 ? -8.230  -0.931  10.369  1.00 10.00 ? 24 DT  B "O5'"  1 
ATOM   717 C "C5'"  . DT  B 2 11 ? -8.807  -0.260  9.239   1.00 10.00 ? 24 DT  B "C5'"  1 
ATOM   718 C "C4'"  . DT  B 2 11 ? -9.706  -1.162  8.354   1.00 10.00 ? 24 DT  B "C4'"  1 
ATOM   719 O "O4'"  . DT  B 2 11 ? -8.944  -2.321  7.895   1.00 10.00 ? 24 DT  B "O4'"  1 
ATOM   720 C "C3'"  . DT  B 2 11 ? -10.953 -1.728  9.064   1.00 10.00 ? 24 DT  B "C3'"  1 
ATOM   721 O "O3'"  . DT  B 2 11 ? -12.036 -1.852  8.138   1.00 10.00 ? 24 DT  B "O3'"  1 
ATOM   722 C "C2'"  . DT  B 2 11 ? -10.430 -3.091  9.533   1.00 10.00 ? 24 DT  B "C2'"  1 
ATOM   723 C "C1'"  . DT  B 2 11 ? -9.595  -3.504  8.322   1.00 10.00 ? 24 DT  B "C1'"  1 
ATOM   724 N N1     . DT  B 2 11 ? -8.554  -4.536  8.576   1.00 10.00 ? 24 DT  B N1     1 
ATOM   725 C C2     . DT  B 2 11 ? -8.409  -5.550  7.601   1.00 10.00 ? 24 DT  B C2     1 
ATOM   726 O O2     . DT  B 2 11 ? -9.047  -5.622  6.549   1.00 10.00 ? 24 DT  B O2     1 
ATOM   727 N N3     . DT  B 2 11 ? -7.454  -6.513  7.913   1.00 10.00 ? 24 DT  B N3     1 
ATOM   728 C C4     . DT  B 2 11 ? -6.646  -6.589  9.040   1.00 10.00 ? 24 DT  B C4     1 
ATOM   729 O O4     . DT  B 2 11 ? -5.812  -7.496  9.133   1.00 10.00 ? 24 DT  B O4     1 
ATOM   730 C C5     . DT  B 2 11 ? -6.851  -5.515  10.002  1.00 10.00 ? 24 DT  B C5     1 
ATOM   731 C C7     . DT  B 2 11 ? -6.059  -5.541  11.270  1.00 10.00 ? 24 DT  B C7     1 
ATOM   732 C C6     . DT  B 2 11 ? -7.757  -4.549  9.725   1.00 10.00 ? 24 DT  B C6     1 
ATOM   733 H "H5'"  . DT  B 2 11 ? -7.989  0.130   8.585   1.00 10.00 ? 24 DT  B "H5'"  1 
ATOM   734 H "H5''" . DT  B 2 11 ? -9.417  0.608   9.577   1.00 10.00 ? 24 DT  B "H5''" 1 
ATOM   735 H "H4'"  . DT  B 2 11 ? -10.003 -0.594  7.445   1.00 10.00 ? 24 DT  B "H4'"  1 
ATOM   736 H "H3'"  . DT  B 2 11 ? -11.237 -1.078  9.922   1.00 10.00 ? 24 DT  B "H3'"  1 
ATOM   737 H "H2'"  . DT  B 2 11 ? -9.800  -2.939  10.432  1.00 10.00 ? 24 DT  B "H2'"  1 
ATOM   738 H "H2''" . DT  B 2 11 ? -11.228 -3.816  9.769   1.00 10.00 ? 24 DT  B "H2''" 1 
ATOM   739 H "H1'"  . DT  B 2 11 ? -10.286 -3.780  7.494   1.00 10.00 ? 24 DT  B "H1'"  1 
ATOM   740 H H3     . DT  B 2 11 ? -7.367  -7.282  7.245   1.00 10.00 ? 24 DT  B H3     1 
ATOM   741 H H71    . DT  B 2 11 ? -5.918  -4.514  11.678  1.00 10.00 ? 24 DT  B H71    1 
ATOM   742 H H72    . DT  B 2 11 ? -6.591  -6.138  12.045  1.00 10.00 ? 24 DT  B H72    1 
ATOM   743 H H73    . DT  B 2 11 ? -5.051  -5.992  11.119  1.00 10.00 ? 24 DT  B H73    1 
ATOM   744 H H6     . DT  B 2 11 ? -7.866  -3.677  10.372  1.00 10.00 ? 24 DT  B H6     1 
ATOM   745 P P      . DG  B 2 12 ? -13.460 -2.428  8.534   1.00 10.00 ? 25 DG  B P      1 
ATOM   746 O OP1    . DG  B 2 12 ? -14.515 -1.549  7.981   1.00 10.00 ? 25 DG  B OP1    1 
ATOM   747 O OP2    . DG  B 2 12 ? -13.517 -2.704  9.990   1.00 10.00 ? 25 DG  B OP2    1 
ATOM   748 O "O5'"  . DG  B 2 12 ? -13.480 -3.817  7.750   1.00 10.00 ? 25 DG  B "O5'"  1 
ATOM   749 C "C5'"  . DG  B 2 12 ? -13.898 -3.823  6.373   1.00 10.00 ? 25 DG  B "C5'"  1 
ATOM   750 C "C4'"  . DG  B 2 12 ? -14.097 -5.235  5.758   1.00 10.00 ? 25 DG  B "C4'"  1 
ATOM   751 O "O4'"  . DG  B 2 12 ? -12.852 -6.004  5.834   1.00 10.00 ? 25 DG  B "O4'"  1 
ATOM   752 C "C3'"  . DG  B 2 12 ? -15.170 -6.084  6.466   1.00 10.00 ? 25 DG  B "C3'"  1 
ATOM   753 O "O3'"  . DG  B 2 12 ? -15.850 -6.903  5.520   1.00 10.00 ? 25 DG  B "O3'"  1 
ATOM   754 C "C2'"  . DG  B 2 12 ? -14.299 -6.878  7.441   1.00 10.00 ? 25 DG  B "C2'"  1 
ATOM   755 C "C1'"  . DG  B 2 12 ? -13.089 -7.193  6.571   1.00 10.00 ? 25 DG  B "C1'"  1 
ATOM   756 N N9     . DG  B 2 12 ? -11.907 -7.499  7.370   1.00 10.00 ? 25 DG  B N9     1 
ATOM   757 C C8     . DG  B 2 12 ? -11.429 -6.701  8.324   1.00 10.00 ? 25 DG  B C8     1 
ATOM   758 N N7     . DG  B 2 12 ? -10.546 -7.249  9.132   1.00 10.00 ? 25 DG  B N7     1 
ATOM   759 C C5     . DG  B 2 12 ? -10.423 -8.535  8.639   1.00 10.00 ? 25 DG  B C5     1 
ATOM   760 C C6     . DG  B 2 12 ? -9.608  -9.594  9.083   1.00 10.00 ? 25 DG  B C6     1 
ATOM   761 O O6     . DG  B 2 12 ? -8.774  -9.546  9.997   1.00 10.00 ? 25 DG  B O6     1 
ATOM   762 N N1     . DG  B 2 12 ? -9.791  -10.746 8.289   1.00 10.00 ? 25 DG  B N1     1 
ATOM   763 C C2     . DG  B 2 12 ? -10.631 -10.852 7.187   1.00 10.00 ? 25 DG  B C2     1 
ATOM   764 N N2     . DG  B 2 12 ? -10.546 -12.026 6.555   1.00 10.00 ? 25 DG  B N2     1 
ATOM   765 N N3     . DG  B 2 12 ? -11.414 -9.840  6.798   1.00 10.00 ? 25 DG  B N3     1 
ATOM   766 C C4     . DG  B 2 12 ? -11.265 -8.721  7.540   1.00 10.00 ? 25 DG  B C4     1 
ATOM   767 H "H5'"  . DG  B 2 12 ? -13.134 -3.297  5.755   1.00 10.00 ? 25 DG  B "H5'"  1 
ATOM   768 H "H5''" . DG  B 2 12 ? -14.865 -3.278  6.257   1.00 10.00 ? 25 DG  B "H5''" 1 
ATOM   769 H "H4'"  . DG  B 2 12 ? -14.350 -5.123  4.682   1.00 10.00 ? 25 DG  B "H4'"  1 
ATOM   770 H "H3'"  . DG  B 2 12 ? -15.895 -5.430  6.998   1.00 10.00 ? 25 DG  B "H3'"  1 
ATOM   771 H "H2'"  . DG  B 2 12 ? -14.027 -6.212  8.288   1.00 10.00 ? 25 DG  B "H2'"  1 
ATOM   772 H "H2''" . DG  B 2 12 ? -14.755 -7.784  7.863   1.00 10.00 ? 25 DG  B "H2''" 1 
ATOM   773 H "H1'"  . DG  B 2 12 ? -13.299 -7.999  5.859   1.00 10.00 ? 25 DG  B "H1'"  1 
ATOM   774 H H8     . DG  B 2 12 ? -11.897 -5.722  8.301   1.00 10.00 ? 25 DG  B H8     1 
ATOM   775 H H1     . DG  B 2 12 ? -9.149  -11.511 8.468   1.00 10.00 ? 25 DG  B H1     1 
ATOM   776 H H21    . DG  B 2 12 ? -9.975  -12.781 6.905   1.00 10.00 ? 25 DG  B H21    1 
ATOM   777 H H22    . DG  B 2 12 ? -11.163 -12.162 5.787   1.00 10.00 ? 25 DG  B H22    1 
ATOM   778 P P      . DG  B 2 13 ? -16.808 -8.103  5.892   1.00 10.00 ? 26 DG  B P      1 
ATOM   779 O OP1    . DG  B 2 13 ? -17.799 -8.284  4.807   1.00 10.00 ? 26 DG  B OP1    1 
ATOM   780 O OP2    . DG  B 2 13 ? -17.337 -7.940  7.266   1.00 10.00 ? 26 DG  B OP2    1 
ATOM   781 O "O5'"  . DG  B 2 13 ? -15.811 -9.338  5.870   1.00 10.00 ? 26 DG  B "O5'"  1 
ATOM   782 C "C5'"  . DG  B 2 13 ? -15.350 -9.866  4.616   1.00 10.00 ? 26 DG  B "C5'"  1 
ATOM   783 C "C4'"  . DG  B 2 13 ? -15.126 -11.383 4.696   1.00 10.00 ? 26 DG  B "C4'"  1 
ATOM   784 O "O4'"  . DG  B 2 13 ? -13.993 -11.680 5.562   1.00 10.00 ? 26 DG  B "O4'"  1 
ATOM   785 C "C3'"  . DG  B 2 13 ? -16.343 -12.106 5.236   1.00 10.00 ? 26 DG  B "C3'"  1 
ATOM   786 O "O3'"  . DG  B 2 13 ? -16.624 -13.295 4.501   1.00 10.00 ? 26 DG  B "O3'"  1 
ATOM   787 C "C2'"  . DG  B 2 13 ? -15.898 -12.487 6.625   1.00 10.00 ? 26 DG  B "C2'"  1 
ATOM   788 C "C1'"  . DG  B 2 13 ? -14.379 -12.577 6.573   1.00 10.00 ? 26 DG  B "C1'"  1 
ATOM   789 N N9     . DG  B 2 13 ? -13.759 -12.114 7.823   1.00 10.00 ? 26 DG  B N9     1 
ATOM   790 C C8     . DG  B 2 13 ? -14.057 -10.962 8.464   1.00 10.00 ? 26 DG  B C8     1 
ATOM   791 N N7     . DG  B 2 13 ? -13.427 -10.790 9.605   1.00 10.00 ? 26 DG  B N7     1 
ATOM   792 C C5     . DG  B 2 13 ? -12.639 -11.917 9.726   1.00 10.00 ? 26 DG  B C5     1 
ATOM   793 C C6     . DG  B 2 13 ? -11.729 -12.269 10.743  1.00 10.00 ? 26 DG  B C6     1 
ATOM   794 O O6     . DG  B 2 13 ? -11.401 -11.565 11.709  1.00 10.00 ? 26 DG  B O6     1 
ATOM   795 N N1     . DG  B 2 13 ? -11.152 -13.528 10.500  1.00 10.00 ? 26 DG  B N1     1 
ATOM   796 C C2     . DG  B 2 13 ? -11.373 -14.327 9.387   1.00 10.00 ? 26 DG  B C2     1 
ATOM   797 N N2     . DG  B 2 13 ? -10.679 -15.467 9.412   1.00 10.00 ? 26 DG  B N2     1 
ATOM   798 N N3     . DG  B 2 13 ? -12.217 -13.964 8.410   1.00 10.00 ? 26 DG  B N3     1 
ATOM   799 C C4     . DG  B 2 13 ? -12.826 -12.770 8.633   1.00 10.00 ? 26 DG  B C4     1 
ATOM   800 H "H5'"  . DG  B 2 13 ? -14.387 -9.376  4.342   1.00 10.00 ? 26 DG  B "H5'"  1 
ATOM   801 H "H5''" . DG  B 2 13 ? -16.073 -9.675  3.787   1.00 10.00 ? 26 DG  B "H5''" 1 
ATOM   802 H "H4'"  . DG  B 2 13 ? -14.890 -11.873 3.752   1.00 10.00 ? 26 DG  B "H4'"  1 
ATOM   803 H "H3'"  . DG  B 2 13 ? -17.242 -11.449 5.250   1.00 10.00 ? 26 DG  B "H3'"  1 
ATOM   804 H "HO3'" . DG  B 2 13 ? -15.802 -13.795 4.537   1.00 10.00 ? 26 DG  B "HO3'" 1 
ATOM   805 H "H2'"  . DG  B 2 13 ? -16.284 -11.748 7.356   1.00 10.00 ? 26 DG  B "H2'"  1 
ATOM   806 H "H2''" . DG  B 2 13 ? -16.278 -13.469 6.844   1.00 10.00 ? 26 DG  B "H2''" 1 
ATOM   807 H "H1'"  . DG  B 2 13 ? -14.029 -13.587 6.271   1.00 10.00 ? 26 DG  B "H1'"  1 
ATOM   808 H H8     . DG  B 2 13 ? -14.824 -10.347 7.985   1.00 10.00 ? 26 DG  B H8     1 
ATOM   809 H H1     . DG  B 2 13 ? -10.380 -13.771 11.114  1.00 10.00 ? 26 DG  B H1     1 
ATOM   810 H H21    . DG  B 2 13 ? -10.021 -15.652 10.155  1.00 10.00 ? 26 DG  B H21    1 
ATOM   811 H H22    . DG  B 2 13 ? -10.678 -16.012 8.579   1.00 10.00 ? 26 DG  B H22    1 
# 
